data_5DX7
#
_entry.id   5DX7
#
_cell.length_a   78.951
_cell.length_b   78.951
_cell.length_c   225.128
_cell.angle_alpha   90.00
_cell.angle_beta   90.00
_cell.angle_gamma   90.00
#
_symmetry.space_group_name_H-M   'P 43 21 2'
#
loop_
_entity.id
_entity.type
_entity.pdbx_description
1 polymer 'Malate synthase G'
2 non-polymer 'MAGNESIUM ION'
3 non-polymer '5-(5-chlorothiophen-2-yl)-1,2-oxazole-3-carboxylic acid'
4 water water
#
_entity_poly.entity_id   1
_entity_poly.type   'polypeptide(L)'
_entity_poly.pdbx_seq_one_letter_code
;MTDRVSVGNLRIARVLYDFVNNEALPGTDIDPDSFWAGVDKVVADLTPQNQALLNARDELQAQIDKWHRRRVIEPIDMDA
YRQFLTEIGYLLPEPDDFTITTSGVDAEITTTAGPQLVVPVLNARFALNAANARWGSLYDALYGTDVIPETDGAEKGPTY
NKVRGDKVIAYARKFLDDSVPLSSGSFGDATGFTVQDGQLVVALPDKSTGLANPGQFAGYTGAAESPTSVLLINHGLHIE
ILIDPESQVGTTDRAGVKDVILESAITTIMDFEDSVAAVDAADKVLGYRNWLGLNKGDLAAAVDKDGTAFLRVLNRDRNY
TAPGGGQFTLPGRSLMFVRNVGHLMTNDAIVDTDGSEVFEGIMDALFTGLIAIHGLKASDVNGPLINSRTGSIYIVKPKM
HGPAEVAFTCELFSRVEDVLGLPQNTMKIGIMDEERRTTVNLKACIKAAADRVVFINTGFLDRTGDEIHTSMEAGPMVRK
GTMKSQPWILAYEDHNVDAGLAAGFSGRAQVGKGMWTMTELMADMVETKIAQPRAGASTAWVPSPTAATLHALHYHQVDV
AAVQQGLAGKRRATIEQLLTIPLAKELAWAPDEIREEVDNNCQSILGYVVRWVDQGVGASKVPDIHDVALMEDRATLRIS
SQLLANWLRHGVITSADVRASLERMAPLVDRQNAGDVAYRPMAPNFDDSIAFLAAQELILSGAQQPNGYTEPILHRRRRE
FKARAAEKPAPSDRAGDDAAR
;
_entity_poly.pdbx_strand_id   A
#
loop_
_chem_comp.id
_chem_comp.type
_chem_comp.name
_chem_comp.formula
5H6 non-polymer '5-(5-chlorothiophen-2-yl)-1,2-oxazole-3-carboxylic acid' 'C8 H4 Cl N O3 S'
MG non-polymer 'MAGNESIUM ION' 'Mg 2'
#
# COMPACT_ATOMS: atom_id res chain seq x y z
N THR A 2 2.31 -13.40 36.47
CA THR A 2 1.69 -12.46 35.53
C THR A 2 0.41 -13.00 34.92
N ASP A 3 0.07 -12.45 33.76
CA ASP A 3 -1.16 -12.76 33.03
C ASP A 3 -0.75 -13.35 31.69
N ARG A 4 -0.07 -14.49 31.75
CA ARG A 4 0.40 -15.16 30.56
C ARG A 4 0.10 -16.65 30.62
N VAL A 5 -0.02 -17.27 29.45
CA VAL A 5 -0.33 -18.69 29.37
C VAL A 5 0.92 -19.43 28.93
N SER A 6 1.28 -20.48 29.66
CA SER A 6 2.45 -21.27 29.28
C SER A 6 2.12 -22.32 28.22
N VAL A 7 2.86 -22.26 27.12
CA VAL A 7 2.75 -23.25 26.07
C VAL A 7 4.18 -23.60 25.68
N GLY A 8 4.65 -24.75 26.18
CA GLY A 8 6.06 -25.09 26.07
C GLY A 8 6.97 -24.00 26.61
N ASN A 9 7.84 -23.50 25.73
CA ASN A 9 8.78 -22.42 26.04
C ASN A 9 8.17 -21.01 25.90
N LEU A 10 6.95 -20.93 25.43
CA LEU A 10 6.34 -19.62 25.18
C LEU A 10 5.47 -19.21 26.35
N ARG A 11 5.41 -17.89 26.58
CA ARG A 11 4.48 -17.33 27.55
C ARG A 11 3.57 -16.32 26.83
N ILE A 12 2.34 -16.74 26.54
CA ILE A 12 1.44 -16.01 25.66
C ILE A 12 0.54 -15.04 26.43
N ALA A 13 0.48 -13.79 25.99
CA ALA A 13 -0.41 -12.82 26.61
C ALA A 13 -1.85 -13.34 26.61
N ARG A 14 -2.54 -13.20 27.73
CA ARG A 14 -3.84 -13.83 27.92
C ARG A 14 -4.85 -13.32 26.89
N VAL A 15 -4.80 -12.02 26.61
CA VAL A 15 -5.71 -11.43 25.64
C VAL A 15 -5.57 -12.12 24.27
N LEU A 16 -4.34 -12.50 23.93
CA LEU A 16 -4.08 -13.13 22.65
C LEU A 16 -4.53 -14.58 22.66
N TYR A 17 -4.14 -15.29 23.73
CA TYR A 17 -4.57 -16.68 23.90
C TYR A 17 -6.10 -16.81 23.82
N ASP A 18 -6.83 -15.99 24.56
CA ASP A 18 -8.28 -16.05 24.54
C ASP A 18 -8.85 -15.71 23.16
N PHE A 19 -8.33 -14.65 22.55
CA PHE A 19 -8.78 -14.25 21.23
C PHE A 19 -8.69 -15.42 20.26
N VAL A 20 -7.53 -16.05 20.20
CA VAL A 20 -7.32 -17.14 19.28
C VAL A 20 -8.23 -18.35 19.56
N ASN A 21 -8.35 -18.75 20.84
CA ASN A 21 -9.19 -19.88 21.19
C ASN A 21 -10.67 -19.62 21.01
N ASN A 22 -11.11 -18.43 21.39
CA ASN A 22 -12.53 -18.12 21.37
C ASN A 22 -13.06 -17.66 20.04
N GLU A 23 -12.25 -16.93 19.26
CA GLU A 23 -12.72 -16.27 18.04
C GLU A 23 -12.08 -16.79 16.75
N ALA A 24 -10.77 -17.01 16.79
CA ALA A 24 -10.04 -17.36 15.58
C ALA A 24 -10.08 -18.86 15.23
N LEU A 25 -9.96 -19.72 16.23
CA LEU A 25 -9.90 -21.16 15.97
C LEU A 25 -11.25 -21.84 15.64
N PRO A 26 -12.35 -21.41 16.27
CA PRO A 26 -13.56 -22.19 15.95
C PRO A 26 -14.03 -22.01 14.51
N GLY A 27 -14.31 -23.13 13.84
CA GLY A 27 -14.72 -23.10 12.45
C GLY A 27 -13.61 -23.48 11.48
N THR A 28 -12.37 -23.51 11.96
CA THR A 28 -11.23 -23.81 11.09
C THR A 28 -10.90 -25.29 11.11
N ASP A 29 -11.49 -26.01 12.08
CA ASP A 29 -11.20 -27.42 12.31
C ASP A 29 -9.74 -27.74 12.62
N ILE A 30 -9.02 -26.75 13.16
CA ILE A 30 -7.70 -26.99 13.69
C ILE A 30 -7.81 -27.30 15.17
N ASP A 31 -7.17 -28.39 15.60
CA ASP A 31 -7.09 -28.75 17.00
C ASP A 31 -6.38 -27.64 17.76
N PRO A 32 -7.09 -27.01 18.72
CA PRO A 32 -6.49 -25.91 19.48
C PRO A 32 -5.15 -26.27 20.12
N ASP A 33 -5.05 -27.47 20.69
CA ASP A 33 -3.84 -27.87 21.39
C ASP A 33 -2.66 -28.01 20.42
N SER A 34 -2.93 -28.55 19.25
CA SER A 34 -1.88 -28.79 18.29
C SER A 34 -1.53 -27.50 17.54
N PHE A 35 -2.48 -26.56 17.47
CA PHE A 35 -2.17 -25.25 16.91
C PHE A 35 -1.10 -24.57 17.76
N TRP A 36 -1.29 -24.61 19.08
CA TRP A 36 -0.41 -23.91 20.00
C TRP A 36 0.94 -24.60 20.08
N ALA A 37 0.94 -25.93 19.99
CA ALA A 37 2.19 -26.68 19.92
C ALA A 37 2.94 -26.32 18.63
N GLY A 38 2.18 -26.08 17.56
CA GLY A 38 2.75 -25.63 16.31
C GLY A 38 3.43 -24.28 16.45
N VAL A 39 2.73 -23.34 17.09
CA VAL A 39 3.28 -22.02 17.38
C VAL A 39 4.62 -22.13 18.11
N ASP A 40 4.64 -22.92 19.19
CA ASP A 40 5.86 -23.12 19.96
C ASP A 40 6.96 -23.74 19.10
N LYS A 41 6.62 -24.76 18.33
CA LYS A 41 7.62 -25.43 17.48
C LYS A 41 8.14 -24.53 16.33
N VAL A 42 7.25 -23.80 15.67
CA VAL A 42 7.67 -22.87 14.60
C VAL A 42 8.54 -21.75 15.13
N VAL A 43 8.13 -21.15 16.26
CA VAL A 43 8.92 -20.10 16.87
C VAL A 43 10.30 -20.62 17.28
N ALA A 44 10.34 -21.81 17.87
CA ALA A 44 11.62 -22.40 18.30
C ALA A 44 12.54 -22.67 17.12
N ASP A 45 12.00 -23.27 16.06
CA ASP A 45 12.80 -23.65 14.90
C ASP A 45 13.34 -22.46 14.07
N LEU A 46 12.52 -21.42 13.88
CA LEU A 46 12.87 -20.37 12.91
C LEU A 46 13.49 -19.11 13.51
N THR A 47 13.36 -18.94 14.82
CA THR A 47 13.93 -17.79 15.51
C THR A 47 15.44 -17.58 15.27
N PRO A 48 16.23 -18.67 15.37
CA PRO A 48 17.67 -18.43 15.14
C PRO A 48 18.01 -17.98 13.70
N GLN A 49 17.38 -18.54 12.68
CA GLN A 49 17.61 -18.08 11.31
C GLN A 49 17.14 -16.62 11.16
N ASN A 50 16.02 -16.29 11.80
CA ASN A 50 15.52 -14.92 11.79
C ASN A 50 16.60 -13.98 12.32
N GLN A 51 17.16 -14.34 13.47
CA GLN A 51 18.20 -13.51 14.10
C GLN A 51 19.49 -13.49 13.27
N ALA A 52 19.83 -14.62 12.67
CA ALA A 52 21.02 -14.71 11.82
C ALA A 52 20.95 -13.76 10.61
N LEU A 53 19.75 -13.64 10.03
CA LEU A 53 19.50 -12.75 8.91
C LEU A 53 19.64 -11.29 9.34
N LEU A 54 19.10 -10.94 10.50
CA LEU A 54 19.22 -9.57 11.02
C LEU A 54 20.66 -9.17 11.35
N ASN A 55 21.45 -10.10 11.86
CA ASN A 55 22.87 -9.82 12.09
C ASN A 55 23.62 -9.65 10.77
N ALA A 56 23.22 -10.42 9.76
CA ALA A 56 23.86 -10.32 8.44
C ALA A 56 23.68 -8.92 7.82
N ARG A 57 22.47 -8.34 7.94
CA ARG A 57 22.25 -6.96 7.54
C ARG A 57 23.29 -6.04 8.21
N ASP A 58 23.45 -6.21 9.50
CA ASP A 58 24.36 -5.38 10.29
C ASP A 58 25.82 -5.47 9.80
N GLU A 59 26.29 -6.69 9.57
CA GLU A 59 27.66 -6.95 9.15
C GLU A 59 27.91 -6.39 7.77
N LEU A 60 26.94 -6.54 6.87
CA LEU A 60 27.07 -5.97 5.54
C LEU A 60 27.15 -4.45 5.62
N GLN A 61 26.25 -3.84 6.41
CA GLN A 61 26.25 -2.40 6.54
C GLN A 61 27.57 -1.89 7.12
N ALA A 62 28.12 -2.63 8.08
CA ALA A 62 29.37 -2.17 8.70
C ALA A 62 30.51 -2.14 7.69
N GLN A 63 30.55 -3.14 6.83
CA GLN A 63 31.57 -3.23 5.79
C GLN A 63 31.47 -2.09 4.76
N ILE A 64 30.25 -1.73 4.39
CA ILE A 64 30.04 -0.59 3.49
C ILE A 64 30.41 0.72 4.15
N ASP A 65 30.02 0.89 5.41
CA ASP A 65 30.41 2.05 6.21
C ASP A 65 31.94 2.23 6.16
N LYS A 66 32.67 1.13 6.34
CA LYS A 66 34.12 1.18 6.41
C LYS A 66 34.72 1.44 5.03
N TRP A 67 34.15 0.84 4.00
CA TRP A 67 34.59 1.09 2.63
C TRP A 67 34.61 2.58 2.31
N HIS A 68 33.52 3.27 2.60
CA HIS A 68 33.42 4.70 2.34
C HIS A 68 34.43 5.51 3.17
N ARG A 69 34.52 5.20 4.46
CA ARG A 69 35.43 5.90 5.38
C ARG A 69 36.94 5.74 5.09
N ARG A 70 37.32 4.64 4.45
CA ARG A 70 38.74 4.40 4.12
C ARG A 70 39.11 5.04 2.79
N ARG A 71 38.13 5.66 2.14
CA ARG A 71 38.35 6.30 0.85
C ARG A 71 38.17 7.81 0.97
N VAL A 72 38.82 8.54 0.08
CA VAL A 72 38.84 9.99 0.14
C VAL A 72 38.81 10.56 -1.28
N ILE A 73 38.40 9.72 -2.23
CA ILE A 73 38.44 10.05 -3.65
C ILE A 73 37.25 10.90 -4.15
N GLU A 74 37.46 11.62 -5.26
CA GLU A 74 36.45 12.51 -5.83
C GLU A 74 35.12 11.78 -6.18
N PRO A 75 34.98 11.20 -7.40
CA PRO A 75 33.69 10.50 -7.41
C PRO A 75 33.88 9.04 -7.09
N ILE A 76 32.80 8.33 -6.78
CA ILE A 76 32.92 6.90 -6.50
C ILE A 76 33.35 6.13 -7.78
N ASP A 77 34.35 5.29 -7.65
CA ASP A 77 34.72 4.37 -8.73
C ASP A 77 33.73 3.22 -8.77
N MET A 78 32.73 3.34 -9.64
CA MET A 78 31.67 2.34 -9.76
C MET A 78 32.21 0.93 -9.93
N ASP A 79 33.17 0.75 -10.83
CA ASP A 79 33.78 -0.55 -11.06
C ASP A 79 34.31 -1.18 -9.76
N ALA A 80 35.04 -0.38 -9.00
CA ALA A 80 35.58 -0.82 -7.73
C ALA A 80 34.45 -1.12 -6.73
N TYR A 81 33.50 -0.19 -6.64
CA TYR A 81 32.39 -0.28 -5.70
C TYR A 81 31.58 -1.55 -5.93
N ARG A 82 31.30 -1.84 -7.18
CA ARG A 82 30.47 -2.98 -7.56
C ARG A 82 31.21 -4.30 -7.31
N GLN A 83 32.52 -4.29 -7.51
CA GLN A 83 33.33 -5.46 -7.25
C GLN A 83 33.38 -5.73 -5.75
N PHE A 84 33.43 -4.65 -4.98
CA PHE A 84 33.41 -4.74 -3.52
C PHE A 84 32.10 -5.35 -2.99
N LEU A 85 30.98 -4.85 -3.50
CA LEU A 85 29.68 -5.39 -3.12
C LEU A 85 29.57 -6.88 -3.44
N THR A 86 30.23 -7.30 -4.51
CA THR A 86 30.20 -8.70 -4.93
C THR A 86 30.96 -9.57 -3.94
N GLU A 87 32.18 -9.15 -3.61
CA GLU A 87 33.04 -9.91 -2.72
C GLU A 87 32.41 -10.15 -1.36
N ILE A 88 31.66 -9.18 -0.86
CA ILE A 88 31.10 -9.26 0.49
C ILE A 88 29.73 -9.94 0.54
N GLY A 89 29.19 -10.30 -0.61
CA GLY A 89 27.92 -11.00 -0.67
C GLY A 89 26.68 -10.12 -0.69
N TYR A 90 26.87 -8.83 -0.88
CA TYR A 90 25.75 -7.90 -0.98
C TYR A 90 25.10 -8.08 -2.35
N LEU A 91 25.93 -8.07 -3.38
CA LEU A 91 25.48 -8.23 -4.74
C LEU A 91 25.72 -9.67 -5.17
N LEU A 92 24.65 -10.41 -5.39
CA LEU A 92 24.77 -11.84 -5.71
C LEU A 92 24.68 -12.06 -7.21
N PRO A 93 25.19 -13.21 -7.70
CA PRO A 93 25.07 -13.44 -9.14
C PRO A 93 23.60 -13.57 -9.55
N GLU A 94 23.28 -13.06 -10.72
CA GLU A 94 21.93 -13.15 -11.26
C GLU A 94 21.72 -14.52 -11.88
N PRO A 95 20.62 -15.20 -11.53
CA PRO A 95 20.34 -16.55 -12.03
C PRO A 95 19.83 -16.51 -13.46
N ASP A 96 19.73 -17.68 -14.10
CA ASP A 96 19.22 -17.77 -15.46
C ASP A 96 17.74 -17.42 -15.51
N ASP A 97 17.24 -17.13 -16.70
CA ASP A 97 15.82 -16.83 -16.87
C ASP A 97 14.94 -17.96 -16.37
N PHE A 98 13.73 -17.61 -15.95
CA PHE A 98 12.78 -18.58 -15.44
C PHE A 98 11.39 -17.99 -15.56
N THR A 99 10.37 -18.82 -15.42
CA THR A 99 9.00 -18.35 -15.36
C THR A 99 8.41 -18.78 -14.01
N ILE A 100 7.79 -17.85 -13.30
CA ILE A 100 7.15 -18.18 -12.02
C ILE A 100 6.09 -19.26 -12.25
N THR A 101 5.84 -20.08 -11.22
CA THR A 101 4.91 -21.19 -11.36
C THR A 101 3.72 -21.08 -10.43
N THR A 102 3.53 -19.89 -9.85
CA THR A 102 2.48 -19.66 -8.86
C THR A 102 1.10 -20.02 -9.40
N SER A 103 0.37 -20.83 -8.65
CA SER A 103 -0.91 -21.35 -9.10
C SER A 103 -2.05 -21.17 -8.08
N GLY A 104 -3.29 -21.27 -8.53
CA GLY A 104 -4.45 -21.11 -7.65
C GLY A 104 -4.74 -19.66 -7.28
N VAL A 105 -4.32 -18.73 -8.13
CA VAL A 105 -4.50 -17.29 -7.88
C VAL A 105 -5.74 -16.70 -8.58
N ASP A 106 -6.46 -15.84 -7.86
CA ASP A 106 -7.68 -15.24 -8.38
C ASP A 106 -7.43 -14.29 -9.56
N ALA A 107 -8.49 -14.07 -10.34
CA ALA A 107 -8.44 -13.24 -11.54
C ALA A 107 -8.08 -11.79 -11.27
N GLU A 108 -8.49 -11.29 -10.10
CA GLU A 108 -8.21 -9.91 -9.71
C GLU A 108 -6.72 -9.65 -9.71
N ILE A 109 -5.94 -10.68 -9.41
CA ILE A 109 -4.49 -10.56 -9.29
C ILE A 109 -3.74 -10.93 -10.58
N THR A 110 -4.19 -11.99 -11.25
CA THR A 110 -3.47 -12.51 -12.42
C THR A 110 -3.72 -11.69 -13.67
N THR A 111 -4.94 -11.14 -13.76
CA THR A 111 -5.44 -10.70 -15.05
C THR A 111 -5.86 -9.24 -15.04
N THR A 112 -6.65 -8.87 -14.04
CA THR A 112 -7.24 -7.53 -13.97
C THR A 112 -6.22 -6.49 -13.55
N ALA A 113 -6.04 -5.46 -14.38
CA ALA A 113 -5.24 -4.31 -13.99
C ALA A 113 -6.14 -3.20 -13.43
N GLY A 114 -5.77 -2.67 -12.27
CA GLY A 114 -6.58 -1.64 -11.62
C GLY A 114 -6.02 -1.15 -10.29
N PRO A 115 -6.68 -0.14 -9.70
CA PRO A 115 -6.20 0.47 -8.45
C PRO A 115 -6.13 -0.54 -7.30
N GLN A 116 -5.21 -0.32 -6.38
CA GLN A 116 -5.09 -1.14 -5.16
C GLN A 116 -5.03 -0.22 -3.95
N LEU A 117 -5.96 -0.44 -3.02
CA LEU A 117 -6.10 0.38 -1.83
C LEU A 117 -5.25 -0.23 -0.68
N VAL A 118 -4.66 0.61 0.16
CA VAL A 118 -3.95 0.13 1.34
C VAL A 118 -4.56 0.85 2.53
N VAL A 119 -4.91 0.09 3.58
CA VAL A 119 -5.66 0.70 4.67
C VAL A 119 -5.22 0.12 6.03
N PRO A 120 -5.21 0.95 7.09
CA PRO A 120 -4.79 0.45 8.41
C PRO A 120 -5.81 -0.54 8.97
N VAL A 121 -5.39 -1.76 9.25
CA VAL A 121 -6.32 -2.80 9.68
C VAL A 121 -6.89 -2.54 11.07
N LEU A 122 -6.23 -1.68 11.84
CA LEU A 122 -6.73 -1.35 13.18
C LEU A 122 -7.93 -0.41 13.15
N ASN A 123 -8.20 0.18 11.99
CA ASN A 123 -9.34 1.09 11.85
C ASN A 123 -10.49 0.40 11.11
N ALA A 124 -11.43 -0.16 11.87
CA ALA A 124 -12.55 -0.93 11.30
C ALA A 124 -13.34 -0.15 10.24
N ARG A 125 -13.60 1.13 10.50
CA ARG A 125 -14.31 2.01 9.55
C ARG A 125 -13.60 2.12 8.19
N PHE A 126 -12.33 2.52 8.24
CA PHE A 126 -11.48 2.56 7.05
C PHE A 126 -11.49 1.20 6.32
N ALA A 127 -11.27 0.11 7.05
CA ALA A 127 -11.11 -1.20 6.42
C ALA A 127 -12.38 -1.63 5.70
N LEU A 128 -13.51 -1.35 6.34
CA LEU A 128 -14.82 -1.64 5.77
C LEU A 128 -15.05 -0.82 4.50
N ASN A 129 -14.71 0.47 4.57
CA ASN A 129 -14.83 1.33 3.39
C ASN A 129 -13.94 0.87 2.24
N ALA A 130 -12.75 0.39 2.55
CA ALA A 130 -11.85 -0.11 1.52
C ALA A 130 -12.40 -1.37 0.89
N ALA A 131 -12.85 -2.29 1.73
CA ALA A 131 -13.43 -3.53 1.24
C ALA A 131 -14.62 -3.28 0.30
N ASN A 132 -15.43 -2.27 0.61
CA ASN A 132 -16.57 -1.90 -0.21
C ASN A 132 -16.19 -0.99 -1.40
N ALA A 133 -14.91 -0.67 -1.52
CA ALA A 133 -14.50 0.33 -2.50
C ALA A 133 -14.34 -0.26 -3.92
N ARG A 134 -14.58 -1.56 -4.07
CA ARG A 134 -14.58 -2.24 -5.37
C ARG A 134 -15.43 -1.51 -6.40
N TRP A 135 -16.54 -0.94 -5.94
CA TRP A 135 -17.41 -0.16 -6.80
C TRP A 135 -17.55 1.21 -6.16
N GLY A 136 -17.46 2.26 -6.97
CA GLY A 136 -17.56 3.61 -6.47
C GLY A 136 -18.17 4.55 -7.50
N SER A 137 -18.79 5.62 -7.00
CA SER A 137 -19.47 6.61 -7.83
C SER A 137 -18.48 7.56 -8.49
N LEU A 138 -18.46 7.58 -9.82
CA LEU A 138 -17.68 8.56 -10.56
C LEU A 138 -18.22 9.98 -10.32
N TYR A 139 -19.54 10.13 -10.27
CA TYR A 139 -20.11 11.48 -10.12
C TYR A 139 -19.69 12.05 -8.78
N ASP A 140 -19.74 11.21 -7.75
CA ASP A 140 -19.37 11.66 -6.42
C ASP A 140 -17.91 12.05 -6.40
N ALA A 141 -17.09 11.24 -7.05
CA ALA A 141 -15.65 11.46 -7.09
C ALA A 141 -15.26 12.72 -7.85
N LEU A 142 -16.04 13.07 -8.87
CA LEU A 142 -15.76 14.28 -9.66
C LEU A 142 -16.31 15.55 -8.99
N TYR A 143 -17.55 15.49 -8.50
CA TYR A 143 -18.18 16.64 -7.85
C TYR A 143 -17.44 17.01 -6.56
N GLY A 144 -17.03 15.97 -5.84
CA GLY A 144 -16.47 16.15 -4.51
C GLY A 144 -15.02 16.61 -4.47
N THR A 145 -14.30 16.47 -5.58
CA THR A 145 -12.89 16.86 -5.56
C THR A 145 -12.56 17.96 -6.56
N ASP A 146 -11.28 18.23 -6.71
CA ASP A 146 -10.84 19.32 -7.57
C ASP A 146 -10.58 18.87 -9.02
N VAL A 147 -10.92 17.62 -9.36
CA VAL A 147 -10.83 17.17 -10.75
C VAL A 147 -11.71 18.07 -11.62
N ILE A 148 -12.88 18.46 -11.11
CA ILE A 148 -13.65 19.54 -11.70
C ILE A 148 -13.27 20.84 -10.97
N PRO A 149 -12.66 21.79 -11.69
CA PRO A 149 -12.16 23.01 -11.04
C PRO A 149 -13.28 23.80 -10.36
N GLU A 150 -12.98 24.33 -9.17
CA GLU A 150 -13.91 25.21 -8.49
C GLU A 150 -13.73 26.62 -9.02
N THR A 151 -13.88 26.76 -10.34
CA THR A 151 -13.79 28.05 -10.99
C THR A 151 -15.00 28.89 -10.56
N ASP A 152 -15.01 30.15 -10.98
CA ASP A 152 -16.14 31.02 -10.68
C ASP A 152 -17.41 30.35 -11.19
N GLY A 153 -18.43 30.30 -10.34
CA GLY A 153 -19.70 29.72 -10.74
C GLY A 153 -19.85 28.21 -10.59
N ALA A 154 -18.73 27.48 -10.62
CA ALA A 154 -18.77 26.02 -10.48
C ALA A 154 -18.24 25.52 -9.13
N GLU A 155 -18.36 26.33 -8.08
CA GLU A 155 -17.80 25.95 -6.79
C GLU A 155 -18.75 25.15 -5.90
N LYS A 156 -18.19 24.44 -4.93
CA LYS A 156 -18.97 23.62 -4.02
C LYS A 156 -19.49 24.47 -2.87
N GLY A 157 -20.79 24.37 -2.63
CA GLY A 157 -21.44 25.17 -1.60
C GLY A 157 -22.11 24.27 -0.58
N PRO A 158 -23.04 24.83 0.20
CA PRO A 158 -23.77 24.04 1.18
C PRO A 158 -24.71 23.05 0.48
N THR A 159 -25.15 23.42 -0.72
CA THR A 159 -26.08 22.60 -1.49
C THR A 159 -25.65 22.43 -2.97
N TYR A 160 -26.38 21.57 -3.67
CA TYR A 160 -26.09 21.21 -5.06
C TYR A 160 -25.89 22.40 -6.00
N ASN A 161 -24.72 22.46 -6.64
CA ASN A 161 -24.44 23.45 -7.68
C ASN A 161 -24.70 22.81 -9.05
N LYS A 162 -25.74 23.26 -9.74
CA LYS A 162 -26.11 22.69 -11.04
C LYS A 162 -25.06 22.93 -12.14
N VAL A 163 -24.45 24.11 -12.12
CA VAL A 163 -23.39 24.42 -13.05
C VAL A 163 -22.27 23.40 -12.90
N ARG A 164 -21.94 23.07 -11.65
CA ARG A 164 -20.87 22.13 -11.36
C ARG A 164 -21.28 20.70 -11.71
N GLY A 165 -22.51 20.34 -11.33
CA GLY A 165 -23.09 19.05 -11.67
C GLY A 165 -22.98 18.79 -13.17
N ASP A 166 -23.30 19.80 -13.97
CA ASP A 166 -23.24 19.70 -15.43
C ASP A 166 -21.82 19.47 -15.95
N LYS A 167 -20.83 20.10 -15.32
CA LYS A 167 -19.45 19.80 -15.67
C LYS A 167 -19.15 18.33 -15.35
N VAL A 168 -19.59 17.88 -14.17
CA VAL A 168 -19.42 16.46 -13.80
C VAL A 168 -20.00 15.54 -14.87
N ILE A 169 -21.26 15.76 -15.21
CA ILE A 169 -21.94 14.96 -16.23
C ILE A 169 -21.18 14.97 -17.57
N ALA A 170 -20.75 16.15 -18.02
CA ALA A 170 -20.03 16.26 -19.29
C ALA A 170 -18.70 15.50 -19.24
N TYR A 171 -18.01 15.63 -18.11
CA TYR A 171 -16.76 14.90 -17.92
C TYR A 171 -16.95 13.38 -18.10
N ALA A 172 -18.00 12.83 -17.50
CA ALA A 172 -18.23 11.39 -17.56
C ALA A 172 -18.75 10.92 -18.93
N ARG A 173 -19.54 11.77 -19.59
CA ARG A 173 -19.93 11.52 -20.98
C ARG A 173 -18.70 11.37 -21.86
N LYS A 174 -17.74 12.26 -21.65
CA LYS A 174 -16.48 12.22 -22.38
C LYS A 174 -15.71 10.92 -22.08
N PHE A 175 -15.70 10.52 -20.81
CA PHE A 175 -15.09 9.26 -20.42
C PHE A 175 -15.72 8.09 -21.14
N LEU A 176 -17.04 8.09 -21.25
CA LEU A 176 -17.73 6.99 -21.92
C LEU A 176 -17.39 6.89 -23.42
N ASP A 177 -17.35 8.04 -24.09
CA ASP A 177 -16.97 8.09 -25.50
C ASP A 177 -15.56 7.58 -25.72
N ASP A 178 -14.66 7.87 -24.79
CA ASP A 178 -13.26 7.47 -24.92
C ASP A 178 -13.07 6.00 -24.54
N SER A 179 -13.96 5.46 -23.72
CA SER A 179 -13.77 4.11 -23.20
C SER A 179 -14.61 3.06 -23.89
N VAL A 180 -15.84 3.42 -24.23
CA VAL A 180 -16.79 2.47 -24.81
C VAL A 180 -17.50 3.19 -25.97
N PRO A 181 -16.74 3.50 -27.04
CA PRO A 181 -17.26 4.39 -28.08
C PRO A 181 -18.50 3.84 -28.80
N LEU A 182 -19.40 4.73 -29.19
CA LEU A 182 -20.56 4.35 -30.00
C LEU A 182 -20.12 4.14 -31.45
N SER A 183 -20.89 3.36 -32.20
CA SER A 183 -20.64 3.21 -33.66
C SER A 183 -20.60 4.56 -34.35
N SER A 184 -21.57 5.41 -34.02
CA SER A 184 -21.58 6.79 -34.50
C SER A 184 -22.16 7.70 -33.43
N GLY A 185 -21.69 8.94 -33.38
CA GLY A 185 -22.16 9.89 -32.38
C GLY A 185 -21.48 9.71 -31.03
N SER A 186 -21.98 10.45 -30.05
CA SER A 186 -21.42 10.51 -28.71
C SER A 186 -22.48 10.28 -27.63
N PHE A 187 -22.06 9.70 -26.51
CA PHE A 187 -22.92 9.56 -25.33
C PHE A 187 -23.48 10.89 -24.86
N GLY A 188 -22.76 11.97 -25.20
CA GLY A 188 -23.20 13.30 -24.85
C GLY A 188 -24.57 13.66 -25.41
N ASP A 189 -25.00 12.94 -26.45
CA ASP A 189 -26.29 13.20 -27.09
C ASP A 189 -27.30 12.08 -26.89
N ALA A 190 -26.90 11.07 -26.13
CA ALA A 190 -27.77 9.94 -25.82
C ALA A 190 -29.08 10.39 -25.22
N THR A 191 -30.13 9.60 -25.45
CA THR A 191 -31.49 9.99 -25.15
C THR A 191 -32.17 8.88 -24.36
N GLY A 192 -31.64 7.67 -24.51
CA GLY A 192 -32.16 6.53 -23.80
C GLY A 192 -31.36 5.28 -24.15
N PHE A 193 -31.53 4.24 -23.34
CA PHE A 193 -30.84 2.98 -23.54
C PHE A 193 -31.84 1.83 -23.62
N THR A 194 -31.68 0.97 -24.63
CA THR A 194 -32.53 -0.21 -24.78
C THR A 194 -31.64 -1.43 -24.98
N VAL A 195 -32.09 -2.59 -24.53
CA VAL A 195 -31.48 -3.84 -24.94
C VAL A 195 -32.39 -4.56 -25.94
N GLN A 196 -32.00 -4.58 -27.20
CA GLN A 196 -32.77 -5.26 -28.24
C GLN A 196 -32.04 -6.49 -28.73
N ASP A 197 -32.61 -7.65 -28.44
CA ASP A 197 -32.03 -8.94 -28.79
C ASP A 197 -30.53 -9.05 -28.52
N GLY A 198 -30.17 -9.07 -27.24
CA GLY A 198 -28.80 -9.24 -26.82
C GLY A 198 -27.86 -8.08 -27.10
N GLN A 199 -28.36 -7.04 -27.75
CA GLN A 199 -27.52 -5.93 -28.19
C GLN A 199 -27.94 -4.61 -27.53
N LEU A 200 -26.97 -3.76 -27.21
CA LEU A 200 -27.25 -2.45 -26.62
C LEU A 200 -27.61 -1.40 -27.69
N VAL A 201 -28.73 -0.72 -27.45
CA VAL A 201 -29.20 0.31 -28.37
C VAL A 201 -29.24 1.65 -27.65
N VAL A 202 -28.51 2.63 -28.18
CA VAL A 202 -28.46 3.95 -27.60
C VAL A 202 -29.17 4.94 -28.51
N ALA A 203 -30.17 5.62 -27.98
CA ALA A 203 -30.94 6.55 -28.78
C ALA A 203 -30.26 7.91 -28.86
N LEU A 204 -30.08 8.41 -30.07
CA LEU A 204 -29.58 9.77 -30.29
C LEU A 204 -30.78 10.61 -30.70
N PRO A 205 -30.62 11.95 -30.76
CA PRO A 205 -31.79 12.76 -31.14
C PRO A 205 -32.34 12.40 -32.54
N ASP A 206 -31.46 12.11 -33.48
CA ASP A 206 -31.88 11.89 -34.87
C ASP A 206 -31.93 10.41 -35.27
N LYS A 207 -31.06 9.60 -34.68
CA LYS A 207 -31.01 8.19 -34.98
C LYS A 207 -30.73 7.40 -33.72
N SER A 208 -30.51 6.09 -33.87
CA SER A 208 -30.08 5.27 -32.76
C SER A 208 -28.83 4.52 -33.20
N THR A 209 -28.09 3.99 -32.24
CA THR A 209 -26.83 3.34 -32.57
C THR A 209 -26.42 2.34 -31.51
N GLY A 210 -25.53 1.43 -31.88
CA GLY A 210 -24.99 0.47 -30.95
C GLY A 210 -23.56 0.83 -30.59
N LEU A 211 -22.87 -0.07 -29.90
CA LEU A 211 -21.46 0.16 -29.56
C LEU A 211 -20.56 -0.16 -30.76
N ALA A 212 -19.48 0.60 -30.91
CA ALA A 212 -18.47 0.30 -31.93
C ALA A 212 -17.93 -1.10 -31.72
N ASN A 213 -17.90 -1.54 -30.46
CA ASN A 213 -17.59 -2.92 -30.12
C ASN A 213 -18.67 -3.48 -29.21
N PRO A 214 -19.65 -4.18 -29.80
CA PRO A 214 -20.78 -4.78 -29.08
C PRO A 214 -20.36 -5.62 -27.88
N GLY A 215 -19.15 -6.17 -27.92
CA GLY A 215 -18.66 -7.02 -26.84
C GLY A 215 -18.41 -6.31 -25.51
N GLN A 216 -18.32 -4.98 -25.55
CA GLN A 216 -18.16 -4.20 -24.32
C GLN A 216 -19.46 -4.10 -23.54
N PHE A 217 -20.56 -4.47 -24.17
CA PHE A 217 -21.83 -4.58 -23.45
C PHE A 217 -21.72 -5.83 -22.63
N ALA A 218 -21.83 -5.69 -21.31
CA ALA A 218 -21.67 -6.80 -20.38
C ALA A 218 -22.96 -7.18 -19.67
N GLY A 219 -23.97 -6.32 -19.74
CA GLY A 219 -25.20 -6.61 -19.05
C GLY A 219 -26.03 -5.40 -18.66
N TYR A 220 -27.09 -5.66 -17.90
CA TYR A 220 -28.01 -4.62 -17.47
C TYR A 220 -28.82 -5.07 -16.27
N THR A 221 -29.59 -4.14 -15.71
CA THR A 221 -30.60 -4.49 -14.72
C THR A 221 -31.94 -3.90 -15.14
N GLY A 222 -33.03 -4.43 -14.56
CA GLY A 222 -34.36 -4.05 -14.99
C GLY A 222 -34.74 -4.71 -16.30
N ALA A 223 -35.84 -4.26 -16.89
CA ALA A 223 -36.31 -4.81 -18.15
C ALA A 223 -35.54 -4.19 -19.31
N ALA A 224 -35.25 -5.01 -20.32
CA ALA A 224 -34.54 -4.55 -21.50
C ALA A 224 -35.18 -3.35 -22.19
N GLU A 225 -36.50 -3.19 -22.04
CA GLU A 225 -37.25 -2.16 -22.75
C GLU A 225 -37.07 -0.76 -22.17
N SER A 226 -36.73 -0.70 -20.88
CA SER A 226 -36.17 0.51 -20.29
C SER A 226 -35.44 0.09 -19.02
N PRO A 227 -34.18 -0.33 -19.18
CA PRO A 227 -33.34 -0.85 -18.08
C PRO A 227 -33.11 0.19 -16.99
N THR A 228 -32.83 -0.27 -15.78
CA THR A 228 -32.52 0.63 -14.69
C THR A 228 -31.01 0.91 -14.65
N SER A 229 -30.24 0.04 -15.30
CA SER A 229 -28.79 0.27 -15.41
C SER A 229 -28.26 -0.44 -16.63
N VAL A 230 -27.13 0.05 -17.13
CA VAL A 230 -26.42 -0.62 -18.21
C VAL A 230 -24.99 -0.86 -17.79
N LEU A 231 -24.56 -2.11 -17.89
CA LEU A 231 -23.21 -2.51 -17.49
C LEU A 231 -22.33 -2.66 -18.72
N LEU A 232 -21.19 -1.99 -18.71
CA LEU A 232 -20.19 -2.10 -19.76
C LEU A 232 -18.90 -2.68 -19.20
N ILE A 233 -18.01 -3.12 -20.09
CA ILE A 233 -16.69 -3.58 -19.68
C ILE A 233 -15.62 -3.04 -20.63
N ASN A 234 -14.49 -2.60 -20.07
CA ASN A 234 -13.38 -2.11 -20.86
C ASN A 234 -12.04 -2.37 -20.17
N HIS A 235 -11.11 -3.01 -20.89
CA HIS A 235 -9.86 -3.48 -20.32
C HIS A 235 -10.09 -4.28 -19.02
N GLY A 236 -11.08 -5.15 -19.01
CA GLY A 236 -11.35 -5.96 -17.82
C GLY A 236 -12.03 -5.27 -16.65
N LEU A 237 -12.27 -3.95 -16.77
CA LEU A 237 -12.92 -3.21 -15.70
C LEU A 237 -14.36 -2.85 -16.06
N HIS A 238 -15.29 -3.04 -15.13
CA HIS A 238 -16.69 -2.70 -15.38
C HIS A 238 -17.06 -1.23 -15.18
N ILE A 239 -18.02 -0.80 -15.99
CA ILE A 239 -18.58 0.53 -15.91
C ILE A 239 -20.09 0.36 -15.89
N GLU A 240 -20.75 1.03 -14.97
CA GLU A 240 -22.19 0.90 -14.86
C GLU A 240 -22.88 2.25 -14.95
N ILE A 241 -23.77 2.39 -15.93
CA ILE A 241 -24.55 3.59 -16.07
C ILE A 241 -25.88 3.36 -15.37
N LEU A 242 -26.19 4.18 -14.37
CA LEU A 242 -27.42 4.05 -13.61
C LEU A 242 -28.47 4.99 -14.20
N ILE A 243 -29.64 4.45 -14.53
CA ILE A 243 -30.70 5.22 -15.18
C ILE A 243 -31.88 5.49 -14.26
N ASP A 244 -32.11 6.76 -13.93
CA ASP A 244 -33.25 7.15 -13.10
C ASP A 244 -33.57 8.62 -13.26
N PRO A 245 -34.54 8.92 -14.13
CA PRO A 245 -34.95 10.30 -14.42
C PRO A 245 -35.52 11.02 -13.20
N GLU A 246 -35.83 10.27 -12.14
CA GLU A 246 -36.47 10.86 -10.97
C GLU A 246 -35.49 11.23 -9.85
N SER A 247 -34.20 11.16 -10.14
CA SER A 247 -33.19 11.51 -9.15
C SER A 247 -32.75 12.97 -9.33
N GLN A 248 -32.15 13.52 -8.26
CA GLN A 248 -31.65 14.89 -8.23
C GLN A 248 -30.88 15.26 -9.50
N VAL A 249 -30.05 14.34 -9.97
CA VAL A 249 -29.22 14.55 -11.15
C VAL A 249 -29.91 14.01 -12.39
N GLY A 250 -30.65 12.92 -12.22
CA GLY A 250 -31.35 12.30 -13.32
C GLY A 250 -32.37 13.20 -13.99
N THR A 251 -33.07 14.02 -13.20
CA THR A 251 -34.10 14.91 -13.75
C THR A 251 -33.52 15.88 -14.76
N THR A 252 -32.28 16.30 -14.54
CA THR A 252 -31.65 17.32 -15.39
C THR A 252 -30.88 16.73 -16.57
N ASP A 253 -30.87 15.39 -16.69
CA ASP A 253 -30.02 14.68 -17.65
C ASP A 253 -30.77 14.29 -18.92
N ARG A 254 -30.09 14.42 -20.05
CA ARG A 254 -30.70 14.17 -21.36
C ARG A 254 -31.10 12.71 -21.60
N ALA A 255 -30.41 11.77 -20.94
CA ALA A 255 -30.81 10.37 -21.00
C ALA A 255 -31.38 9.86 -19.66
N GLY A 256 -31.58 10.78 -18.72
CA GLY A 256 -32.06 10.44 -17.40
C GLY A 256 -31.05 9.69 -16.55
N VAL A 257 -29.77 9.85 -16.86
CA VAL A 257 -28.69 9.14 -16.17
C VAL A 257 -28.44 9.72 -14.79
N LYS A 258 -28.43 8.84 -13.79
CA LYS A 258 -28.28 9.22 -12.39
C LYS A 258 -26.81 9.26 -11.93
N ASP A 259 -26.01 8.33 -12.46
CA ASP A 259 -24.62 8.22 -12.06
C ASP A 259 -23.90 7.28 -13.00
N VAL A 260 -22.58 7.31 -12.94
CA VAL A 260 -21.74 6.31 -13.58
C VAL A 260 -20.91 5.68 -12.47
N ILE A 261 -21.02 4.36 -12.33
CA ILE A 261 -20.31 3.61 -11.30
C ILE A 261 -19.12 2.89 -11.93
N LEU A 262 -17.94 3.04 -11.34
CA LEU A 262 -16.75 2.36 -11.84
C LEU A 262 -16.28 1.25 -10.90
N GLU A 263 -15.90 0.12 -11.47
CA GLU A 263 -15.12 -0.83 -10.71
C GLU A 263 -13.78 -0.15 -10.43
N SER A 264 -13.40 -0.05 -9.16
CA SER A 264 -12.28 0.80 -8.72
C SER A 264 -11.19 -0.03 -8.03
N ALA A 265 -11.28 -0.16 -6.70
CA ALA A 265 -10.32 -0.92 -5.93
C ALA A 265 -10.55 -2.41 -6.12
N ILE A 266 -9.86 -3.00 -7.09
CA ILE A 266 -10.03 -4.42 -7.39
C ILE A 266 -9.51 -5.27 -6.24
N THR A 267 -8.41 -4.80 -5.65
CA THR A 267 -7.82 -5.45 -4.49
C THR A 267 -7.51 -4.40 -3.44
N THR A 268 -7.42 -4.86 -2.20
CA THR A 268 -7.11 -4.03 -1.07
C THR A 268 -6.12 -4.75 -0.16
N ILE A 269 -5.20 -4.00 0.40
CA ILE A 269 -4.24 -4.53 1.34
C ILE A 269 -4.63 -4.07 2.73
N MET A 270 -5.00 -5.04 3.58
CA MET A 270 -5.29 -4.76 4.99
C MET A 270 -3.97 -4.77 5.75
N ASP A 271 -3.61 -3.62 6.31
CA ASP A 271 -2.23 -3.40 6.71
C ASP A 271 -2.02 -3.50 8.23
N PHE A 272 -1.10 -4.37 8.62
CA PHE A 272 -0.61 -4.49 10.01
C PHE A 272 0.75 -3.81 10.19
N GLU A 273 1.32 -3.28 9.11
CA GLU A 273 2.66 -2.73 9.18
C GLU A 273 2.68 -1.20 9.27
N ASP A 274 3.21 -0.53 8.25
CA ASP A 274 3.54 0.91 8.36
C ASP A 274 2.37 1.89 8.51
N SER A 275 1.15 1.50 8.18
CA SER A 275 0.01 2.39 8.44
C SER A 275 -0.67 2.26 9.82
N VAL A 276 -0.22 1.33 10.66
CA VAL A 276 -0.81 1.19 12.00
C VAL A 276 0.20 1.32 13.13
N ALA A 277 -0.30 1.61 14.33
CA ALA A 277 0.53 1.68 15.51
C ALA A 277 0.14 0.55 16.45
N ALA A 278 0.91 -0.53 16.47
CA ALA A 278 0.59 -1.67 17.34
C ALA A 278 1.82 -2.13 18.09
N VAL A 279 1.89 -1.85 19.37
CA VAL A 279 3.14 -1.99 20.12
C VAL A 279 3.07 -3.02 21.23
N ASP A 280 1.93 -3.68 21.36
CA ASP A 280 1.77 -4.72 22.37
C ASP A 280 0.66 -5.70 21.98
N ALA A 281 0.31 -6.58 22.92
CA ALA A 281 -0.67 -7.63 22.67
C ALA A 281 -2.08 -7.08 22.43
N ALA A 282 -2.48 -6.09 23.22
CA ALA A 282 -3.79 -5.50 23.06
C ALA A 282 -3.95 -4.86 21.66
N ASP A 283 -2.90 -4.19 21.18
CA ASP A 283 -2.94 -3.56 19.86
C ASP A 283 -3.00 -4.61 18.76
N LYS A 284 -2.27 -5.70 18.92
CA LYS A 284 -2.26 -6.80 17.95
C LYS A 284 -3.63 -7.47 17.88
N VAL A 285 -4.22 -7.74 19.05
CA VAL A 285 -5.52 -8.40 19.09
C VAL A 285 -6.59 -7.56 18.37
N LEU A 286 -6.56 -6.25 18.55
CA LEU A 286 -7.51 -5.36 17.87
C LEU A 286 -7.42 -5.53 16.35
N GLY A 287 -6.19 -5.59 15.84
CA GLY A 287 -5.95 -5.77 14.41
C GLY A 287 -6.39 -7.15 13.95
N TYR A 288 -5.96 -8.17 14.68
CA TYR A 288 -6.38 -9.54 14.40
C TYR A 288 -7.91 -9.65 14.40
N ARG A 289 -8.56 -9.02 15.37
CA ARG A 289 -10.02 -9.07 15.45
C ARG A 289 -10.72 -8.46 14.22
N ASN A 290 -10.25 -7.31 13.75
CA ASN A 290 -10.78 -6.74 12.50
C ASN A 290 -10.51 -7.62 11.28
N TRP A 291 -9.28 -8.12 11.16
CA TRP A 291 -8.93 -9.05 10.09
C TRP A 291 -9.87 -10.28 10.10
N LEU A 292 -10.16 -10.81 11.29
CA LEU A 292 -11.13 -11.91 11.43
C LEU A 292 -12.55 -11.50 11.00
N GLY A 293 -13.01 -10.33 11.45
CA GLY A 293 -14.29 -9.82 11.02
C GLY A 293 -14.41 -9.66 9.51
N LEU A 294 -13.34 -9.19 8.88
CA LEU A 294 -13.33 -9.06 7.43
C LEU A 294 -13.47 -10.44 6.77
N ASN A 295 -12.68 -11.39 7.24
CA ASN A 295 -12.69 -12.72 6.63
C ASN A 295 -13.97 -13.52 6.88
N LYS A 296 -14.57 -13.33 8.05
CA LYS A 296 -15.87 -13.95 8.34
C LYS A 296 -17.01 -13.16 7.72
N GLY A 297 -16.71 -11.94 7.31
CA GLY A 297 -17.69 -11.11 6.62
C GLY A 297 -18.68 -10.48 7.57
N ASP A 298 -18.39 -10.54 8.86
CA ASP A 298 -19.33 -9.98 9.83
C ASP A 298 -18.79 -8.74 10.55
N LEU A 299 -17.69 -8.19 10.07
CA LEU A 299 -17.20 -6.94 10.64
C LEU A 299 -18.23 -5.83 10.46
N ALA A 300 -18.49 -5.09 11.53
CA ALA A 300 -19.44 -3.98 11.47
C ALA A 300 -18.99 -2.85 12.39
N ALA A 301 -19.11 -1.61 11.90
CA ALA A 301 -18.73 -0.44 12.68
C ALA A 301 -19.50 0.81 12.27
N ARG A 312 -22.51 0.19 9.76
CA ARG A 312 -21.75 -0.04 8.52
C ARG A 312 -21.27 -1.49 8.39
N VAL A 313 -21.64 -2.14 7.29
CA VAL A 313 -21.26 -3.54 7.05
C VAL A 313 -20.66 -3.75 5.65
N LEU A 314 -20.30 -5.00 5.35
CA LEU A 314 -19.75 -5.38 4.05
C LEU A 314 -20.84 -5.51 3.01
N ASN A 315 -20.52 -5.20 1.76
CA ASN A 315 -21.45 -5.27 0.66
C ASN A 315 -21.66 -6.70 0.18
N ARG A 316 -22.85 -6.98 -0.37
CA ARG A 316 -23.08 -8.26 -1.04
C ARG A 316 -22.64 -8.15 -2.49
N ASP A 317 -22.63 -9.29 -3.18
CA ASP A 317 -22.38 -9.28 -4.62
C ASP A 317 -23.49 -8.58 -5.39
N ARG A 318 -23.17 -8.18 -6.63
CA ARG A 318 -24.08 -7.41 -7.47
C ARG A 318 -24.74 -8.29 -8.55
N ASN A 319 -26.06 -8.16 -8.69
CA ASN A 319 -26.83 -8.98 -9.61
C ASN A 319 -27.14 -8.29 -10.92
N TYR A 320 -26.85 -8.99 -12.02
CA TYR A 320 -27.10 -8.46 -13.35
C TYR A 320 -27.79 -9.47 -14.24
N THR A 321 -28.38 -8.96 -15.31
CA THR A 321 -28.91 -9.80 -16.35
C THR A 321 -27.90 -9.78 -17.48
N ALA A 322 -27.52 -10.96 -17.99
CA ALA A 322 -26.62 -11.04 -19.14
C ALA A 322 -27.27 -10.38 -20.36
N PRO A 323 -26.46 -10.00 -21.37
CA PRO A 323 -27.06 -9.41 -22.57
C PRO A 323 -28.08 -10.35 -23.24
N GLY A 324 -27.74 -11.64 -23.29
CA GLY A 324 -28.58 -12.65 -23.89
C GLY A 324 -29.90 -12.86 -23.17
N GLY A 325 -29.92 -12.52 -21.88
CA GLY A 325 -31.14 -12.63 -21.11
C GLY A 325 -30.97 -13.48 -19.87
N GLY A 326 -29.87 -14.23 -19.80
CA GLY A 326 -29.56 -15.06 -18.64
C GLY A 326 -29.29 -14.26 -17.37
N GLN A 327 -28.68 -14.90 -16.38
CA GLN A 327 -28.39 -14.22 -15.11
C GLN A 327 -26.97 -14.48 -14.68
N PHE A 328 -26.38 -13.52 -13.97
CA PHE A 328 -25.06 -13.69 -13.38
C PHE A 328 -24.79 -12.76 -12.22
N THR A 329 -23.57 -12.77 -11.74
CA THR A 329 -23.22 -12.09 -10.50
C THR A 329 -21.77 -11.59 -10.54
N LEU A 330 -21.53 -10.42 -9.98
CA LEU A 330 -20.17 -9.87 -9.90
C LEU A 330 -19.79 -9.58 -8.46
N PRO A 331 -18.51 -9.79 -8.11
CA PRO A 331 -18.07 -9.56 -6.73
C PRO A 331 -18.32 -8.10 -6.31
N GLY A 332 -18.79 -7.92 -5.09
CA GLY A 332 -19.13 -6.59 -4.60
C GLY A 332 -18.08 -6.04 -3.67
N ARG A 333 -17.06 -6.87 -3.40
CA ARG A 333 -16.01 -6.53 -2.47
C ARG A 333 -14.63 -6.60 -3.12
N SER A 334 -13.75 -5.73 -2.66
CA SER A 334 -12.35 -5.79 -3.05
C SER A 334 -11.73 -7.11 -2.54
N LEU A 335 -10.87 -7.73 -3.34
CA LEU A 335 -10.15 -8.92 -2.91
C LEU A 335 -9.03 -8.53 -1.96
N MET A 336 -9.01 -9.17 -0.79
CA MET A 336 -8.13 -8.74 0.29
C MET A 336 -6.78 -9.45 0.36
N PHE A 337 -5.71 -8.65 0.44
CA PHE A 337 -4.41 -9.08 0.92
C PHE A 337 -4.31 -8.67 2.39
N VAL A 338 -3.38 -9.26 3.12
CA VAL A 338 -2.98 -8.67 4.41
C VAL A 338 -1.49 -8.38 4.34
N ARG A 339 -1.04 -7.24 4.85
CA ARG A 339 0.38 -6.99 4.95
C ARG A 339 0.86 -7.28 6.37
N ASN A 340 1.70 -8.30 6.51
CA ASN A 340 2.31 -8.67 7.79
C ASN A 340 3.43 -7.69 8.09
N VAL A 341 3.93 -7.63 9.32
CA VAL A 341 5.17 -6.87 9.53
C VAL A 341 6.36 -7.69 9.01
N GLY A 342 7.51 -7.04 8.86
CA GLY A 342 8.71 -7.67 8.34
C GLY A 342 9.54 -8.37 9.41
N HIS A 343 10.77 -8.73 9.05
CA HIS A 343 11.64 -9.56 9.88
C HIS A 343 12.24 -8.89 11.15
N LEU A 344 12.13 -7.57 11.28
CA LEU A 344 12.92 -6.89 12.32
C LEU A 344 12.36 -7.02 13.73
N MET A 345 11.12 -6.59 13.92
CA MET A 345 10.65 -6.29 15.27
C MET A 345 10.19 -7.53 16.04
N THR A 346 10.30 -7.43 17.36
CA THR A 346 9.70 -8.41 18.25
C THR A 346 8.50 -7.72 18.90
N ASN A 347 7.66 -8.49 19.57
CA ASN A 347 6.48 -7.92 20.23
C ASN A 347 6.20 -8.74 21.49
N ASP A 348 5.82 -8.08 22.57
CA ASP A 348 5.67 -8.82 23.83
C ASP A 348 4.33 -9.55 23.98
N ALA A 349 3.59 -9.67 22.88
CA ALA A 349 2.38 -10.50 22.88
C ALA A 349 2.73 -11.95 23.23
N ILE A 350 3.98 -12.31 22.96
CA ILE A 350 4.54 -13.59 23.37
C ILE A 350 6.00 -13.37 23.76
N VAL A 351 6.37 -13.90 24.91
CA VAL A 351 7.77 -13.93 25.33
C VAL A 351 8.17 -15.37 25.65
N ASP A 352 9.46 -15.67 25.64
CA ASP A 352 9.88 -17.00 26.07
C ASP A 352 10.15 -17.00 27.56
N THR A 353 10.52 -18.16 28.12
CA THR A 353 10.72 -18.26 29.56
C THR A 353 11.77 -17.28 30.08
N ASP A 354 12.69 -16.87 29.20
CA ASP A 354 13.75 -15.92 29.55
C ASP A 354 13.26 -14.47 29.58
N GLY A 355 12.02 -14.25 29.15
CA GLY A 355 11.47 -12.91 29.07
C GLY A 355 11.70 -12.25 27.72
N SER A 356 12.32 -12.97 26.79
CA SER A 356 12.64 -12.42 25.46
C SER A 356 11.42 -12.39 24.55
N GLU A 357 11.13 -11.21 23.99
CA GLU A 357 10.02 -11.05 23.05
C GLU A 357 10.17 -11.90 21.80
N VAL A 358 9.05 -12.38 21.29
CA VAL A 358 9.02 -13.19 20.08
C VAL A 358 8.98 -12.29 18.83
N PHE A 359 9.60 -12.73 17.74
CA PHE A 359 9.54 -12.04 16.44
C PHE A 359 8.12 -11.86 15.93
N GLU A 360 7.76 -10.62 15.68
CA GLU A 360 6.39 -10.28 15.31
C GLU A 360 6.01 -10.79 13.92
N GLY A 361 6.96 -10.80 12.98
CA GLY A 361 6.70 -11.32 11.66
C GLY A 361 6.34 -12.80 11.71
N ILE A 362 6.99 -13.54 12.59
CA ILE A 362 6.66 -14.96 12.76
C ILE A 362 5.24 -15.12 13.30
N MET A 363 4.89 -14.32 14.30
CA MET A 363 3.54 -14.38 14.86
C MET A 363 2.48 -14.01 13.82
N ASP A 364 2.77 -12.98 13.03
CA ASP A 364 1.82 -12.50 12.02
C ASP A 364 1.47 -13.59 11.01
N ALA A 365 2.47 -14.33 10.53
CA ALA A 365 2.23 -15.43 9.60
C ALA A 365 1.29 -16.47 10.18
N LEU A 366 1.55 -16.88 11.43
CA LEU A 366 0.69 -17.84 12.12
C LEU A 366 -0.73 -17.33 12.32
N PHE A 367 -0.87 -16.15 12.91
CA PHE A 367 -2.19 -15.61 13.26
C PHE A 367 -3.00 -15.03 12.08
N THR A 368 -2.39 -14.22 11.23
CA THR A 368 -3.14 -13.74 10.04
C THR A 368 -3.41 -14.89 9.08
N GLY A 369 -2.52 -15.89 9.08
CA GLY A 369 -2.71 -17.07 8.27
C GLY A 369 -3.87 -17.91 8.80
N LEU A 370 -3.85 -18.20 10.10
CA LEU A 370 -4.97 -18.89 10.74
C LEU A 370 -6.28 -18.19 10.42
N ILE A 371 -6.33 -16.91 10.71
CA ILE A 371 -7.55 -16.11 10.53
C ILE A 371 -8.06 -16.08 9.10
N ALA A 372 -7.14 -16.01 8.13
CA ALA A 372 -7.50 -15.97 6.72
C ALA A 372 -8.26 -17.21 6.26
N ILE A 373 -8.16 -18.30 7.03
CA ILE A 373 -8.88 -19.53 6.69
C ILE A 373 -10.37 -19.26 6.58
N HIS A 374 -10.89 -18.40 7.45
CA HIS A 374 -12.30 -18.03 7.40
C HIS A 374 -12.76 -17.41 6.06
N GLY A 375 -11.85 -16.70 5.39
CA GLY A 375 -12.18 -16.03 4.13
C GLY A 375 -12.25 -17.01 2.97
N LEU A 376 -11.83 -18.25 3.25
CA LEU A 376 -11.89 -19.32 2.28
C LEU A 376 -13.17 -20.16 2.42
N LYS A 377 -14.10 -19.70 3.25
CA LYS A 377 -15.38 -20.40 3.41
C LYS A 377 -16.55 -19.45 3.66
N ALA A 378 -17.76 -20.01 3.66
CA ALA A 378 -19.03 -19.27 3.80
C ALA A 378 -19.15 -18.42 5.06
N SER A 379 -19.47 -17.13 4.85
CA SER A 379 -19.48 -16.11 5.91
C SER A 379 -20.26 -16.46 7.19
N ASP A 380 -21.51 -16.89 7.05
CA ASP A 380 -22.36 -17.17 8.21
C ASP A 380 -22.32 -18.65 8.60
N GLY A 383 -24.01 -15.82 3.78
CA GLY A 383 -23.81 -15.60 2.36
C GLY A 383 -22.64 -16.40 1.83
N PRO A 384 -22.32 -16.20 0.53
CA PRO A 384 -21.18 -16.87 -0.10
C PRO A 384 -19.88 -16.51 0.59
N LEU A 385 -18.83 -17.29 0.35
CA LEU A 385 -17.52 -17.04 0.97
C LEU A 385 -16.93 -15.69 0.57
N ILE A 386 -16.35 -15.04 1.57
CA ILE A 386 -15.89 -13.66 1.45
C ILE A 386 -14.77 -13.41 0.45
N ASN A 387 -13.64 -14.13 0.57
CA ASN A 387 -12.41 -13.75 -0.15
C ASN A 387 -12.02 -14.60 -1.36
N SER A 388 -10.97 -15.40 -1.23
CA SER A 388 -10.41 -16.15 -2.35
C SER A 388 -11.20 -17.39 -2.74
N ARG A 389 -11.74 -17.40 -3.97
CA ARG A 389 -12.47 -18.54 -4.48
C ARG A 389 -11.55 -19.66 -4.97
N THR A 390 -10.29 -19.32 -5.23
CA THR A 390 -9.35 -20.31 -5.74
C THR A 390 -8.52 -20.95 -4.62
N GLY A 391 -8.79 -20.54 -3.38
CA GLY A 391 -8.20 -21.17 -2.22
C GLY A 391 -6.85 -20.63 -1.79
N SER A 392 -6.55 -19.37 -2.12
CA SER A 392 -5.27 -18.80 -1.76
C SER A 392 -5.36 -17.81 -0.59
N ILE A 393 -4.28 -17.72 0.16
CA ILE A 393 -4.14 -16.66 1.17
C ILE A 393 -3.04 -15.70 0.70
N TYR A 394 -3.35 -14.40 0.65
CA TYR A 394 -2.43 -13.42 0.03
C TYR A 394 -1.77 -12.52 1.06
N ILE A 395 -0.46 -12.70 1.26
CA ILE A 395 0.25 -11.94 2.26
C ILE A 395 1.39 -11.07 1.70
N VAL A 396 1.30 -9.77 1.96
CA VAL A 396 2.36 -8.86 1.56
C VAL A 396 3.45 -8.85 2.64
N LYS A 397 4.69 -9.08 2.23
CA LYS A 397 5.80 -9.12 3.17
C LYS A 397 6.73 -7.96 2.86
N PRO A 398 6.77 -6.99 3.77
CA PRO A 398 7.54 -5.75 3.55
C PRO A 398 8.98 -5.88 4.08
N LYS A 399 9.83 -4.96 3.63
CA LYS A 399 11.14 -4.71 4.23
C LYS A 399 12.12 -5.89 4.20
N MET A 400 12.05 -6.72 3.16
CA MET A 400 13.01 -7.81 3.06
C MET A 400 14.29 -7.36 2.34
N HIS A 401 15.43 -7.87 2.79
CA HIS A 401 16.70 -7.53 2.19
C HIS A 401 17.33 -8.76 1.53
N GLY A 402 17.05 -8.97 0.25
CA GLY A 402 17.78 -9.98 -0.50
C GLY A 402 17.11 -11.34 -0.52
N PRO A 403 17.61 -12.25 -1.37
CA PRO A 403 16.92 -13.51 -1.64
C PRO A 403 16.93 -14.50 -0.48
N ALA A 404 17.93 -14.43 0.41
CA ALA A 404 17.93 -15.26 1.61
C ALA A 404 16.76 -14.91 2.52
N GLU A 405 16.46 -13.62 2.64
CA GLU A 405 15.31 -13.20 3.46
C GLU A 405 13.98 -13.61 2.81
N VAL A 406 13.95 -13.61 1.48
CA VAL A 406 12.76 -14.10 0.78
C VAL A 406 12.58 -15.61 1.00
N ALA A 407 13.65 -16.37 0.86
CA ALA A 407 13.59 -17.82 1.05
C ALA A 407 13.13 -18.15 2.47
N PHE A 408 13.62 -17.39 3.45
CA PHE A 408 13.20 -17.54 4.84
C PHE A 408 11.69 -17.33 5.01
N THR A 409 11.15 -16.27 4.37
CA THR A 409 9.73 -15.97 4.49
C THR A 409 8.89 -17.11 3.90
N CYS A 410 9.37 -17.67 2.78
CA CYS A 410 8.71 -18.79 2.14
C CYS A 410 8.77 -20.05 2.98
N GLU A 411 9.86 -20.22 3.73
CA GLU A 411 9.97 -21.36 4.59
C GLU A 411 9.08 -21.19 5.82
N LEU A 412 8.99 -19.95 6.34
CA LEU A 412 8.06 -19.64 7.41
C LEU A 412 6.62 -19.95 6.98
N PHE A 413 6.27 -19.60 5.74
CA PHE A 413 4.93 -19.88 5.22
C PHE A 413 4.65 -21.39 5.09
N SER A 414 5.65 -22.14 4.61
CA SER A 414 5.53 -23.59 4.50
C SER A 414 5.23 -24.23 5.87
N ARG A 415 6.00 -23.81 6.88
CA ARG A 415 5.85 -24.27 8.27
C ARG A 415 4.48 -23.92 8.87
N VAL A 416 4.01 -22.71 8.57
CA VAL A 416 2.68 -22.28 9.02
C VAL A 416 1.61 -23.12 8.34
N GLU A 417 1.76 -23.34 7.03
CA GLU A 417 0.85 -24.20 6.28
C GLU A 417 0.69 -25.58 6.92
N ASP A 418 1.79 -26.18 7.35
CA ASP A 418 1.79 -27.44 8.10
C ASP A 418 1.02 -27.34 9.41
N VAL A 419 1.29 -26.31 10.19
CA VAL A 419 0.59 -26.12 11.46
C VAL A 419 -0.90 -25.99 11.22
N LEU A 420 -1.28 -25.33 10.12
CA LEU A 420 -2.69 -25.01 9.86
C LEU A 420 -3.41 -26.12 9.10
N GLY A 421 -2.66 -27.10 8.63
CA GLY A 421 -3.25 -28.13 7.79
C GLY A 421 -3.62 -27.66 6.40
N LEU A 422 -2.99 -26.59 5.91
CA LEU A 422 -3.27 -26.11 4.57
C LEU A 422 -2.33 -26.76 3.56
N PRO A 423 -2.79 -26.93 2.32
CA PRO A 423 -1.93 -27.42 1.25
C PRO A 423 -0.72 -26.50 1.12
N GLN A 424 0.42 -27.06 0.74
CA GLN A 424 1.62 -26.27 0.52
C GLN A 424 1.37 -25.25 -0.59
N ASN A 425 1.94 -24.07 -0.41
CA ASN A 425 1.76 -22.91 -1.32
C ASN A 425 0.36 -22.28 -1.33
N THR A 426 -0.42 -22.53 -0.29
CA THR A 426 -1.66 -21.80 -0.09
C THR A 426 -1.35 -20.33 0.17
N MET A 427 -0.36 -20.10 1.03
CA MET A 427 0.02 -18.75 1.43
C MET A 427 0.93 -18.11 0.38
N LYS A 428 0.34 -17.23 -0.41
CA LYS A 428 1.03 -16.53 -1.48
C LYS A 428 1.77 -15.32 -0.95
N ILE A 429 2.79 -14.88 -1.67
CA ILE A 429 3.59 -13.76 -1.20
C ILE A 429 3.60 -12.55 -2.13
N GLY A 430 3.33 -11.39 -1.56
CA GLY A 430 3.46 -10.13 -2.29
C GLY A 430 4.78 -9.53 -1.85
N ILE A 431 5.78 -9.55 -2.72
CA ILE A 431 7.11 -9.05 -2.37
C ILE A 431 7.21 -7.54 -2.57
N MET A 432 7.42 -6.80 -1.47
CA MET A 432 7.78 -5.38 -1.58
C MET A 432 9.24 -5.26 -1.98
N ASP A 433 9.50 -4.52 -3.08
CA ASP A 433 10.85 -4.11 -3.45
C ASP A 433 11.03 -2.70 -2.89
N GLU A 434 11.52 -2.62 -1.66
CA GLU A 434 11.65 -1.35 -0.97
C GLU A 434 12.95 -1.26 -0.17
N GLU A 435 13.87 -2.18 -0.44
CA GLU A 435 15.20 -2.17 0.18
C GLU A 435 16.27 -2.42 -0.91
N ARG A 436 17.40 -1.73 -0.80
CA ARG A 436 18.40 -1.70 -1.87
C ARG A 436 18.95 -3.10 -2.19
N ARG A 437 19.14 -3.91 -1.16
CA ARG A 437 19.71 -5.23 -1.37
C ARG A 437 18.68 -6.18 -2.02
N THR A 438 17.41 -5.81 -1.95
CA THR A 438 16.40 -6.52 -2.73
C THR A 438 16.45 -6.05 -4.18
N THR A 439 16.52 -4.74 -4.38
CA THR A 439 16.56 -4.12 -5.70
C THR A 439 17.63 -4.71 -6.62
N VAL A 440 18.87 -4.73 -6.15
CA VAL A 440 19.99 -5.18 -6.99
C VAL A 440 20.08 -6.70 -7.13
N ASN A 441 19.21 -7.42 -6.43
CA ASN A 441 19.14 -8.88 -6.48
C ASN A 441 17.71 -9.32 -6.75
N LEU A 442 16.95 -8.48 -7.44
CA LEU A 442 15.50 -8.69 -7.57
C LEU A 442 15.09 -10.01 -8.23
N LYS A 443 15.77 -10.35 -9.32
CA LYS A 443 15.50 -11.58 -10.07
C LYS A 443 15.66 -12.79 -9.16
N ALA A 444 16.75 -12.81 -8.39
CA ALA A 444 16.97 -13.86 -7.38
C ALA A 444 15.88 -13.88 -6.31
N CYS A 445 15.40 -12.70 -5.90
CA CYS A 445 14.32 -12.65 -4.92
C CYS A 445 13.02 -13.27 -5.46
N ILE A 446 12.70 -12.96 -6.72
CA ILE A 446 11.50 -13.51 -7.35
C ILE A 446 11.66 -15.03 -7.45
N LYS A 447 12.85 -15.48 -7.82
CA LYS A 447 13.14 -16.90 -7.99
C LYS A 447 12.98 -17.66 -6.67
N ALA A 448 13.41 -17.05 -5.58
CA ALA A 448 13.28 -17.64 -4.26
C ALA A 448 11.82 -17.88 -3.86
N ALA A 449 10.90 -17.21 -4.54
CA ALA A 449 9.48 -17.31 -4.23
C ALA A 449 8.69 -17.70 -5.49
N ALA A 450 9.37 -18.32 -6.44
CA ALA A 450 8.82 -18.52 -7.77
C ALA A 450 7.48 -19.25 -7.77
N ASP A 451 7.22 -20.05 -6.73
CA ASP A 451 5.96 -20.78 -6.65
C ASP A 451 4.93 -20.15 -5.71
N ARG A 452 5.27 -19.02 -5.09
CA ARG A 452 4.33 -18.34 -4.18
C ARG A 452 4.07 -16.88 -4.57
N VAL A 453 4.94 -16.29 -5.38
CA VAL A 453 4.85 -14.85 -5.61
C VAL A 453 3.62 -14.46 -6.43
N VAL A 454 2.88 -13.47 -5.93
CA VAL A 454 1.72 -12.94 -6.66
C VAL A 454 1.84 -11.45 -6.95
N PHE A 455 2.82 -10.79 -6.33
CA PHE A 455 3.22 -9.47 -6.79
C PHE A 455 4.61 -9.04 -6.39
N ILE A 456 5.07 -8.00 -7.07
CA ILE A 456 6.20 -7.19 -6.63
C ILE A 456 5.74 -5.75 -6.73
N ASN A 457 6.40 -4.88 -5.99
CA ASN A 457 5.89 -3.53 -5.89
C ASN A 457 7.02 -2.58 -5.51
N THR A 458 7.01 -1.37 -6.05
CA THR A 458 7.97 -0.33 -5.66
C THR A 458 7.30 0.83 -4.92
N GLY A 459 8.10 1.75 -4.42
CA GLY A 459 7.60 2.89 -3.65
C GLY A 459 8.68 3.91 -3.38
N PHE A 460 8.28 5.12 -3.02
CA PHE A 460 9.28 6.16 -2.80
C PHE A 460 9.94 6.02 -1.42
N LEU A 461 9.13 6.03 -0.37
CA LEU A 461 9.64 6.38 0.94
C LEU A 461 10.62 5.38 1.55
N ASP A 462 10.20 4.12 1.74
CA ASP A 462 11.07 3.14 2.40
C ASP A 462 12.38 2.95 1.62
N ARG A 463 12.27 2.84 0.29
CA ARG A 463 13.43 2.51 -0.54
C ARG A 463 14.44 3.66 -0.50
N THR A 464 13.92 4.86 -0.49
CA THR A 464 14.78 6.05 -0.38
C THR A 464 15.44 6.10 1.00
N GLY A 465 14.68 5.79 2.04
CA GLY A 465 15.25 5.72 3.38
C GLY A 465 16.40 4.73 3.46
N ASP A 466 16.23 3.59 2.81
CA ASP A 466 17.30 2.61 2.77
C ASP A 466 18.51 3.13 1.98
N GLU A 467 18.25 3.78 0.86
CA GLU A 467 19.32 4.36 0.04
C GLU A 467 20.18 5.31 0.85
N ILE A 468 19.52 6.19 1.58
CA ILE A 468 20.25 7.11 2.44
C ILE A 468 21.07 6.38 3.53
N HIS A 469 20.47 5.43 4.22
CA HIS A 469 21.19 4.80 5.31
C HIS A 469 22.38 4.01 4.82
N THR A 470 22.19 3.34 3.68
CA THR A 470 23.23 2.45 3.15
C THR A 470 24.53 3.21 2.79
N SER A 471 24.37 4.41 2.23
CA SER A 471 25.51 5.20 1.79
C SER A 471 25.71 6.40 2.71
N MET A 472 25.22 6.24 3.93
CA MET A 472 25.29 7.27 4.95
C MET A 472 26.69 7.86 5.07
N GLU A 473 27.71 7.01 5.03
CA GLU A 473 29.09 7.46 5.19
C GLU A 473 29.71 8.09 3.93
N ALA A 474 29.03 7.96 2.78
CA ALA A 474 29.56 8.45 1.49
C ALA A 474 29.65 9.98 1.37
N GLY A 475 28.73 10.68 2.01
CA GLY A 475 28.70 12.13 1.92
C GLY A 475 27.28 12.63 2.05
N PRO A 476 27.08 13.94 1.98
CA PRO A 476 25.74 14.51 2.09
C PRO A 476 24.86 14.15 0.89
N MET A 477 23.61 13.81 1.16
CA MET A 477 22.65 13.41 0.12
C MET A 477 21.88 14.62 -0.39
N VAL A 478 21.29 14.50 -1.58
CA VAL A 478 20.43 15.55 -2.11
C VAL A 478 19.18 15.66 -1.26
N ARG A 479 18.46 16.79 -1.41
CA ARG A 479 17.23 17.01 -0.66
C ARG A 479 16.15 15.98 -0.96
N LYS A 480 15.20 15.87 -0.02
CA LYS A 480 14.09 14.92 -0.12
C LYS A 480 13.29 15.03 -1.42
N GLY A 481 12.86 16.24 -1.78
CA GLY A 481 12.11 16.47 -3.00
C GLY A 481 12.91 16.11 -4.24
N THR A 482 14.23 16.28 -4.16
CA THR A 482 15.13 15.90 -5.25
C THR A 482 15.20 14.39 -5.47
N MET A 483 15.08 13.62 -4.38
CA MET A 483 15.25 12.17 -4.45
C MET A 483 14.33 11.52 -5.47
N LYS A 484 13.11 12.04 -5.57
CA LYS A 484 12.09 11.48 -6.43
C LYS A 484 12.48 11.47 -7.92
N SER A 485 13.51 12.23 -8.30
CA SER A 485 13.89 12.32 -9.71
C SER A 485 15.36 11.89 -9.96
N GLN A 486 15.98 11.31 -8.94
CA GLN A 486 17.36 10.84 -9.05
C GLN A 486 17.47 9.61 -9.94
N PRO A 487 18.58 9.48 -10.69
CA PRO A 487 18.84 8.33 -11.55
C PRO A 487 18.65 6.98 -10.87
N TRP A 488 19.13 6.81 -9.63
CA TRP A 488 18.98 5.53 -8.93
C TRP A 488 17.51 5.10 -8.85
N ILE A 489 16.62 6.03 -8.55
CA ILE A 489 15.22 5.69 -8.32
C ILE A 489 14.41 5.47 -9.61
N LEU A 490 14.76 6.21 -10.66
CA LEU A 490 14.13 5.98 -11.95
C LEU A 490 14.57 4.62 -12.49
N ALA A 491 15.83 4.27 -12.26
CA ALA A 491 16.33 2.96 -12.67
C ALA A 491 15.66 1.85 -11.84
N TYR A 492 15.55 2.10 -10.55
CA TYR A 492 14.86 1.17 -9.65
C TYR A 492 13.44 0.85 -10.12
N GLU A 493 12.67 1.89 -10.48
CA GLU A 493 11.30 1.70 -11.01
C GLU A 493 11.24 0.83 -12.28
N ASP A 494 12.07 1.15 -13.27
CA ASP A 494 12.10 0.39 -14.53
C ASP A 494 12.58 -1.05 -14.36
N HIS A 495 13.67 -1.22 -13.62
CA HIS A 495 14.24 -2.54 -13.30
C HIS A 495 13.22 -3.46 -12.63
N ASN A 496 12.34 -2.89 -11.80
CA ASN A 496 11.33 -3.69 -11.12
C ASN A 496 10.32 -4.26 -12.12
N VAL A 497 9.78 -3.40 -12.97
CA VAL A 497 8.91 -3.84 -14.05
C VAL A 497 9.61 -4.87 -14.96
N ASP A 498 10.83 -4.57 -15.38
CA ASP A 498 11.59 -5.48 -16.26
C ASP A 498 11.76 -6.87 -15.62
N ALA A 499 12.12 -6.91 -14.34
CA ALA A 499 12.34 -8.18 -13.67
C ALA A 499 11.04 -8.97 -13.58
N GLY A 500 9.94 -8.28 -13.26
CA GLY A 500 8.64 -8.91 -13.20
C GLY A 500 8.18 -9.49 -14.54
N LEU A 501 8.26 -8.68 -15.59
CA LEU A 501 7.78 -9.13 -16.91
C LEU A 501 8.63 -10.27 -17.44
N ALA A 502 9.95 -10.17 -17.23
CA ALA A 502 10.87 -11.24 -17.62
C ALA A 502 10.64 -12.52 -16.82
N ALA A 503 10.10 -12.41 -15.61
CA ALA A 503 9.81 -13.58 -14.80
C ALA A 503 8.41 -14.12 -15.12
N GLY A 504 7.73 -13.45 -16.06
CA GLY A 504 6.46 -13.94 -16.59
C GLY A 504 5.24 -13.44 -15.83
N PHE A 505 5.37 -12.29 -15.18
CA PHE A 505 4.27 -11.77 -14.37
C PHE A 505 3.02 -11.47 -15.18
N SER A 506 3.19 -11.05 -16.43
CA SER A 506 2.06 -10.70 -17.27
C SER A 506 1.10 -11.87 -17.39
N GLY A 507 -0.14 -11.67 -16.93
CA GLY A 507 -1.11 -12.74 -16.92
C GLY A 507 -1.06 -13.63 -15.68
N ARG A 508 -0.10 -13.40 -14.80
CA ARG A 508 0.11 -14.28 -13.63
C ARG A 508 0.22 -13.58 -12.28
N ALA A 509 0.86 -12.42 -12.23
CA ALA A 509 1.15 -11.75 -10.97
C ALA A 509 1.10 -10.25 -11.14
N GLN A 510 0.84 -9.52 -10.06
CA GLN A 510 0.72 -8.07 -10.18
C GLN A 510 2.10 -7.41 -10.27
N VAL A 511 2.21 -6.37 -11.08
CA VAL A 511 3.38 -5.50 -11.05
C VAL A 511 2.93 -4.12 -10.58
N GLY A 512 3.35 -3.74 -9.37
CA GLY A 512 2.73 -2.61 -8.70
C GLY A 512 3.62 -1.43 -8.45
N LYS A 513 3.03 -0.24 -8.45
CA LYS A 513 3.76 0.99 -8.11
C LYS A 513 3.15 1.74 -6.93
N GLY A 514 3.83 2.80 -6.51
CA GLY A 514 3.62 3.42 -5.22
C GLY A 514 2.39 4.27 -4.99
N MET A 515 2.27 4.73 -3.75
CA MET A 515 1.12 5.51 -3.27
C MET A 515 1.09 6.96 -3.74
N TRP A 516 -0.09 7.45 -4.11
CA TRP A 516 -0.29 8.90 -4.25
C TRP A 516 -0.71 9.44 -2.88
N THR A 517 0.14 10.29 -2.31
CA THR A 517 -0.01 10.72 -0.93
C THR A 517 -0.84 12.02 -0.76
N MET A 518 -1.02 12.79 -1.83
CA MET A 518 -1.68 14.08 -1.73
C MET A 518 -3.19 13.97 -1.92
N THR A 519 -3.87 13.62 -0.83
CA THR A 519 -5.27 13.21 -0.84
C THR A 519 -6.22 14.26 -1.41
N GLU A 520 -5.88 15.54 -1.29
CA GLU A 520 -6.78 16.58 -1.78
C GLU A 520 -6.46 17.02 -3.21
N LEU A 521 -5.26 16.68 -3.67
CA LEU A 521 -4.85 17.06 -5.00
C LEU A 521 -5.23 16.01 -6.04
N MET A 522 -6.53 15.87 -6.28
CA MET A 522 -7.01 14.84 -7.21
C MET A 522 -6.86 15.23 -8.68
N ALA A 523 -6.99 16.52 -9.00
CA ALA A 523 -6.73 16.98 -10.36
C ALA A 523 -5.31 16.59 -10.74
N ASP A 524 -4.37 16.87 -9.85
CA ASP A 524 -2.97 16.51 -10.08
C ASP A 524 -2.79 14.99 -10.24
N MET A 525 -3.46 14.21 -9.38
CA MET A 525 -3.35 12.76 -9.50
C MET A 525 -3.85 12.25 -10.85
N VAL A 526 -5.02 12.73 -11.26
CA VAL A 526 -5.60 12.29 -12.55
C VAL A 526 -4.67 12.68 -13.70
N GLU A 527 -4.13 13.89 -13.63
CA GLU A 527 -3.15 14.34 -14.61
C GLU A 527 -1.86 13.53 -14.61
N THR A 528 -1.32 13.20 -13.44
CA THR A 528 0.03 12.63 -13.42
C THR A 528 0.17 11.11 -13.16
N LYS A 529 -0.72 10.51 -12.36
CA LYS A 529 -0.56 9.10 -11.94
C LYS A 529 -0.71 8.13 -13.14
N ILE A 530 -1.23 8.65 -14.25
CA ILE A 530 -1.35 7.87 -15.48
C ILE A 530 0.01 7.32 -15.95
N ALA A 531 1.09 7.94 -15.48
CA ALA A 531 2.43 7.48 -15.79
C ALA A 531 2.68 6.04 -15.35
N GLN A 532 2.00 5.61 -14.29
CA GLN A 532 2.30 4.29 -13.72
C GLN A 532 1.78 3.15 -14.61
N PRO A 533 0.48 3.19 -14.98
CA PRO A 533 0.08 2.14 -15.92
C PRO A 533 0.80 2.28 -17.29
N ARG A 534 1.17 3.50 -17.69
CA ARG A 534 1.94 3.68 -18.93
C ARG A 534 3.31 3.04 -18.84
N ALA A 535 3.78 2.80 -17.63
CA ALA A 535 5.07 2.16 -17.42
C ALA A 535 4.93 0.65 -17.26
N GLY A 536 3.74 0.12 -17.51
CA GLY A 536 3.51 -1.30 -17.42
C GLY A 536 3.11 -1.85 -16.05
N ALA A 537 2.75 -0.97 -15.12
CA ALA A 537 2.26 -1.40 -13.80
C ALA A 537 0.83 -1.89 -13.91
N SER A 538 0.58 -3.13 -13.50
CA SER A 538 -0.80 -3.62 -13.55
C SER A 538 -1.59 -3.11 -12.35
N THR A 539 -0.88 -2.51 -11.40
CA THR A 539 -1.54 -1.91 -10.24
C THR A 539 -0.73 -0.79 -9.61
N ALA A 540 -1.42 0.09 -8.91
CA ALA A 540 -0.77 1.16 -8.17
C ALA A 540 -1.60 1.58 -6.96
N TRP A 541 -0.91 2.05 -5.91
CA TRP A 541 -1.57 2.35 -4.63
C TRP A 541 -2.26 3.70 -4.55
N VAL A 542 -3.46 3.70 -3.99
CA VAL A 542 -4.27 4.91 -3.81
C VAL A 542 -4.66 5.03 -2.33
N PRO A 543 -4.92 6.26 -1.87
CA PRO A 543 -5.12 6.45 -0.43
C PRO A 543 -6.57 6.32 0.05
N SER A 544 -7.53 6.28 -0.86
CA SER A 544 -8.92 6.37 -0.48
C SER A 544 -9.81 5.77 -1.57
N PRO A 545 -11.03 5.32 -1.21
CA PRO A 545 -11.95 4.84 -2.24
C PRO A 545 -12.18 5.90 -3.32
N THR A 546 -12.23 7.17 -2.94
CA THR A 546 -12.39 8.27 -3.92
C THR A 546 -11.23 8.31 -4.90
N ALA A 547 -10.01 8.17 -4.40
CA ALA A 547 -8.86 8.13 -5.29
C ALA A 547 -8.81 6.85 -6.12
N ALA A 548 -9.38 5.76 -5.60
CA ALA A 548 -9.45 4.51 -6.36
C ALA A 548 -10.31 4.67 -7.63
N THR A 549 -11.45 5.33 -7.47
CA THR A 549 -12.39 5.56 -8.57
C THR A 549 -11.76 6.46 -9.64
N LEU A 550 -11.03 7.48 -9.20
CA LEU A 550 -10.38 8.41 -10.13
C LEU A 550 -9.18 7.78 -10.83
N HIS A 551 -8.39 7.01 -10.08
CA HIS A 551 -7.25 6.31 -10.67
C HIS A 551 -7.71 5.21 -11.66
N ALA A 552 -8.91 4.66 -11.43
CA ALA A 552 -9.50 3.67 -12.33
C ALA A 552 -9.62 4.23 -13.76
N LEU A 553 -9.90 5.52 -13.87
CA LEU A 553 -9.90 6.21 -15.18
C LEU A 553 -8.64 5.93 -15.99
N HIS A 554 -7.49 5.89 -15.32
CA HIS A 554 -6.22 5.67 -16.00
C HIS A 554 -6.14 4.31 -16.70
N TYR A 555 -6.77 3.31 -16.10
CA TYR A 555 -6.74 1.96 -16.65
C TYR A 555 -7.72 1.82 -17.80
N HIS A 556 -8.69 2.72 -17.87
CA HIS A 556 -9.53 2.78 -19.06
C HIS A 556 -8.81 3.41 -20.25
N GLN A 557 -7.90 4.34 -19.98
CA GLN A 557 -7.18 5.02 -21.04
C GLN A 557 -5.97 4.22 -21.53
N VAL A 558 -5.30 3.51 -20.63
CA VAL A 558 -4.09 2.78 -20.96
C VAL A 558 -4.36 1.30 -20.98
N ASP A 559 -3.93 0.64 -22.04
CA ASP A 559 -4.03 -0.82 -22.14
C ASP A 559 -2.79 -1.45 -21.51
N VAL A 560 -2.83 -1.68 -20.20
CA VAL A 560 -1.67 -2.19 -19.49
C VAL A 560 -1.12 -3.49 -20.08
N ALA A 561 -2.01 -4.43 -20.41
CA ALA A 561 -1.56 -5.69 -21.02
C ALA A 561 -0.74 -5.44 -22.29
N ALA A 562 -1.26 -4.59 -23.19
CA ALA A 562 -0.52 -4.21 -24.39
C ALA A 562 0.80 -3.55 -24.02
N VAL A 563 0.77 -2.63 -23.05
CA VAL A 563 2.00 -1.99 -22.61
C VAL A 563 3.01 -3.03 -22.14
N GLN A 564 2.57 -3.95 -21.30
CA GLN A 564 3.45 -5.00 -20.80
C GLN A 564 4.03 -5.87 -21.92
N GLN A 565 3.21 -6.20 -22.90
CA GLN A 565 3.65 -7.02 -24.02
C GLN A 565 4.72 -6.28 -24.83
N GLY A 566 4.60 -4.96 -24.91
CA GLY A 566 5.56 -4.16 -25.66
C GLY A 566 6.90 -4.03 -24.95
N LEU A 567 6.90 -4.15 -23.61
CA LEU A 567 8.14 -4.00 -22.83
C LEU A 567 8.92 -5.30 -22.71
N ALA A 568 8.29 -6.41 -23.08
CA ALA A 568 8.90 -7.73 -22.96
C ALA A 568 10.31 -7.81 -23.56
N GLY A 569 11.26 -8.32 -22.77
CA GLY A 569 12.61 -8.54 -23.25
C GLY A 569 13.57 -7.36 -23.14
N LYS A 570 13.04 -6.18 -22.80
CA LYS A 570 13.88 -4.99 -22.68
C LYS A 570 14.65 -4.89 -21.37
N ARG A 571 15.93 -4.52 -21.47
CA ARG A 571 16.77 -4.29 -20.29
C ARG A 571 16.98 -2.79 -20.16
N ARG A 572 16.11 -2.11 -19.41
CA ARG A 572 16.08 -0.65 -19.41
C ARG A 572 16.84 -0.02 -18.24
N ALA A 573 17.36 -0.85 -17.35
CA ALA A 573 18.16 -0.35 -16.24
C ALA A 573 19.41 -1.19 -16.07
N THR A 574 20.55 -0.55 -15.85
CA THR A 574 21.77 -1.30 -15.57
C THR A 574 22.06 -1.34 -14.08
N ILE A 575 22.87 -2.32 -13.68
CA ILE A 575 23.36 -2.39 -12.31
C ILE A 575 24.05 -1.07 -11.90
N GLU A 576 24.78 -0.44 -12.83
CA GLU A 576 25.47 0.82 -12.55
C GLU A 576 24.49 1.94 -12.22
N GLN A 577 23.40 2.02 -12.98
CA GLN A 577 22.36 3.01 -12.70
C GLN A 577 21.71 2.76 -11.33
N LEU A 578 21.41 1.49 -11.03
CA LEU A 578 20.80 1.13 -9.73
C LEU A 578 21.69 1.60 -8.57
N LEU A 579 23.00 1.46 -8.76
CA LEU A 579 23.99 1.76 -7.73
C LEU A 579 24.49 3.21 -7.69
N THR A 580 23.86 4.09 -8.44
CA THR A 580 24.28 5.49 -8.48
C THR A 580 23.80 6.20 -7.21
N ILE A 581 24.71 6.37 -6.26
CA ILE A 581 24.40 6.99 -4.97
C ILE A 581 23.95 8.46 -5.11
N PRO A 582 22.83 8.85 -4.48
CA PRO A 582 22.33 10.23 -4.65
C PRO A 582 23.09 11.33 -3.86
N LEU A 583 24.41 11.40 -4.00
CA LEU A 583 25.22 12.42 -3.32
C LEU A 583 25.01 13.82 -3.88
N ALA A 584 24.94 14.82 -3.00
CA ALA A 584 24.84 16.20 -3.45
C ALA A 584 26.16 16.62 -4.11
N LYS A 585 26.08 17.52 -5.09
CA LYS A 585 27.29 18.04 -5.72
C LYS A 585 28.05 18.91 -4.73
N GLU A 586 29.06 19.60 -5.21
CA GLU A 586 29.83 20.48 -4.33
C GLU A 586 29.04 21.74 -4.07
N LEU A 587 28.81 22.03 -2.78
CA LEU A 587 28.19 23.29 -2.36
C LEU A 587 26.88 23.54 -3.12
N ALA A 588 25.89 22.70 -2.90
CA ALA A 588 24.68 22.70 -3.72
C ALA A 588 23.62 23.71 -3.28
N TRP A 589 23.70 24.16 -2.02
CA TRP A 589 22.59 24.88 -1.42
C TRP A 589 22.94 26.20 -0.75
N ALA A 590 22.17 27.23 -1.07
CA ALA A 590 22.20 28.48 -0.32
C ALA A 590 21.69 28.21 1.10
N PRO A 591 22.13 29.02 2.07
CA PRO A 591 21.74 28.86 3.47
C PRO A 591 20.22 28.82 3.68
N ASP A 592 19.46 29.61 2.93
CA ASP A 592 18.00 29.61 3.08
C ASP A 592 17.41 28.27 2.63
N GLU A 593 18.05 27.67 1.63
CA GLU A 593 17.60 26.38 1.11
C GLU A 593 17.86 25.27 2.12
N ILE A 594 18.99 25.37 2.83
CA ILE A 594 19.33 24.38 3.85
C ILE A 594 18.29 24.41 4.97
N ARG A 595 17.95 25.64 5.38
CA ARG A 595 16.96 25.88 6.43
C ARG A 595 15.54 25.39 6.05
N GLU A 596 15.13 25.61 4.80
CA GLU A 596 13.82 25.13 4.33
C GLU A 596 13.73 23.61 4.43
N GLU A 597 14.79 22.95 4.00
CA GLU A 597 14.83 21.49 3.98
C GLU A 597 14.80 20.92 5.40
N VAL A 598 15.58 21.53 6.30
CA VAL A 598 15.56 21.15 7.71
C VAL A 598 14.16 21.31 8.33
N ASP A 599 13.56 22.48 8.15
CA ASP A 599 12.19 22.73 8.61
C ASP A 599 11.19 21.75 8.02
N ASN A 600 11.32 21.54 6.72
CA ASN A 600 10.44 20.61 6.00
C ASN A 600 10.46 19.23 6.66
N ASN A 601 11.66 18.70 6.87
CA ASN A 601 11.85 17.38 7.47
C ASN A 601 11.44 17.30 8.94
N CYS A 602 11.78 18.32 9.72
CA CYS A 602 11.36 18.34 11.13
C CYS A 602 9.84 18.43 11.26
N GLN A 603 9.19 19.21 10.40
CA GLN A 603 7.74 19.28 10.44
C GLN A 603 7.14 17.93 10.05
N SER A 604 7.76 17.27 9.08
CA SER A 604 7.27 15.96 8.64
C SER A 604 7.29 14.98 9.81
N ILE A 605 8.39 14.98 10.54
CA ILE A 605 8.60 14.05 11.63
C ILE A 605 7.63 14.37 12.77
N LEU A 606 7.65 15.61 13.24
CA LEU A 606 6.72 16.02 14.30
C LEU A 606 5.24 15.76 13.98
N GLY A 607 4.81 16.15 12.78
CA GLY A 607 3.43 15.99 12.39
C GLY A 607 2.95 14.55 12.48
N TYR A 608 3.77 13.63 11.97
CA TYR A 608 3.40 12.22 11.99
C TYR A 608 3.62 11.60 13.39
N VAL A 609 4.75 11.91 14.03
CA VAL A 609 5.12 11.32 15.33
C VAL A 609 4.14 11.65 16.46
N VAL A 610 3.62 12.87 16.46
CA VAL A 610 2.73 13.29 17.56
C VAL A 610 1.41 12.48 17.58
N ARG A 611 0.84 12.22 16.42
CA ARG A 611 -0.36 11.38 16.33
C ARG A 611 -0.06 9.91 16.67
N TRP A 612 1.12 9.44 16.29
CA TRP A 612 1.52 8.04 16.47
C TRP A 612 1.73 7.72 17.95
N VAL A 613 2.52 8.58 18.60
CA VAL A 613 2.88 8.36 20.00
C VAL A 613 1.73 8.65 20.97
N ASP A 614 1.04 9.77 20.76
CA ASP A 614 -0.01 10.21 21.68
C ASP A 614 -1.34 9.48 21.44
N GLN A 615 -1.68 9.26 20.19
CA GLN A 615 -3.00 8.71 19.86
C GLN A 615 -2.98 7.32 19.22
N GLY A 616 -1.79 6.81 18.92
CA GLY A 616 -1.67 5.49 18.32
C GLY A 616 -2.29 5.43 16.92
N VAL A 617 -2.21 6.55 16.20
CA VAL A 617 -2.70 6.64 14.84
C VAL A 617 -1.50 6.59 13.90
N GLY A 618 -1.50 5.61 13.00
CA GLY A 618 -0.39 5.40 12.10
C GLY A 618 -0.61 5.90 10.68
N ALA A 619 -1.82 6.35 10.38
CA ALA A 619 -2.16 6.91 9.08
C ALA A 619 -3.34 7.87 9.21
N SER A 620 -3.19 9.05 8.64
CA SER A 620 -4.21 10.09 8.69
C SER A 620 -3.84 11.17 7.68
N LYS A 621 -4.74 12.10 7.42
CA LYS A 621 -4.41 13.24 6.58
C LYS A 621 -3.57 14.22 7.39
N VAL A 622 -2.27 14.24 7.14
CA VAL A 622 -1.39 15.12 7.91
C VAL A 622 -0.95 16.34 7.09
N PRO A 623 -1.23 17.55 7.61
CA PRO A 623 -0.83 18.78 6.93
C PRO A 623 0.68 18.92 6.88
N ASP A 624 1.23 19.23 5.70
CA ASP A 624 2.68 19.40 5.57
C ASP A 624 3.04 20.84 5.88
N ILE A 625 4.29 21.22 5.65
CA ILE A 625 4.75 22.56 6.02
C ILE A 625 4.02 23.66 5.23
N HIS A 626 3.62 23.34 4.00
CA HIS A 626 2.84 24.25 3.16
C HIS A 626 1.34 23.95 3.22
N ASP A 627 0.94 23.33 4.34
CA ASP A 627 -0.45 22.93 4.58
C ASP A 627 -1.12 22.03 3.52
N VAL A 628 -0.30 21.36 2.70
CA VAL A 628 -0.84 20.33 1.79
C VAL A 628 -1.11 19.04 2.57
N ALA A 629 -2.34 18.52 2.44
CA ALA A 629 -2.73 17.31 3.13
C ALA A 629 -2.07 16.07 2.51
N LEU A 630 -1.24 15.40 3.30
CA LEU A 630 -0.55 14.18 2.90
C LEU A 630 -1.01 12.98 3.72
N MET A 631 -1.24 11.85 3.06
CA MET A 631 -1.48 10.61 3.79
C MET A 631 -0.30 9.67 3.57
N GLU A 632 0.70 9.77 4.44
CA GLU A 632 1.88 8.91 4.36
C GLU A 632 1.89 7.92 5.53
N ASP A 633 2.57 6.79 5.34
CA ASP A 633 2.78 5.85 6.44
C ASP A 633 4.11 6.14 7.15
N ARG A 634 4.50 5.23 8.03
CA ARG A 634 5.69 5.35 8.87
C ARG A 634 7.00 5.58 8.10
N ALA A 635 7.06 5.12 6.86
CA ALA A 635 8.25 5.32 6.01
C ALA A 635 8.59 6.79 5.75
N THR A 636 7.62 7.70 5.90
CA THR A 636 7.93 9.11 5.80
C THR A 636 8.90 9.50 6.91
N LEU A 637 8.75 8.85 8.05
CA LEU A 637 9.65 9.04 9.16
C LEU A 637 11.04 8.53 8.84
N ARG A 638 11.12 7.41 8.12
CA ARG A 638 12.42 6.80 7.89
C ARG A 638 13.24 7.72 6.99
N ILE A 639 12.60 8.24 5.95
CA ILE A 639 13.32 9.09 5.01
C ILE A 639 13.75 10.41 5.64
N SER A 640 12.83 11.07 6.35
CA SER A 640 13.11 12.40 6.91
C SER A 640 14.19 12.34 7.96
N SER A 641 14.04 11.41 8.91
CA SER A 641 15.03 11.19 9.95
C SER A 641 16.39 10.79 9.37
N GLN A 642 16.40 9.97 8.33
CA GLN A 642 17.67 9.60 7.72
C GLN A 642 18.38 10.76 7.00
N LEU A 643 17.62 11.64 6.36
CA LEU A 643 18.21 12.75 5.62
C LEU A 643 18.83 13.73 6.62
N LEU A 644 18.06 14.06 7.66
CA LEU A 644 18.55 14.94 8.71
C LEU A 644 19.77 14.35 9.38
N ALA A 645 19.73 13.05 9.66
CA ALA A 645 20.87 12.37 10.27
C ALA A 645 22.08 12.42 9.35
N ASN A 646 21.83 12.31 8.04
CA ASN A 646 22.90 12.43 7.05
C ASN A 646 23.48 13.87 6.96
N TRP A 647 22.60 14.86 6.95
CA TRP A 647 23.08 16.24 6.98
C TRP A 647 23.84 16.58 8.27
N LEU A 648 23.43 16.02 9.41
CA LEU A 648 24.16 16.26 10.64
C LEU A 648 25.53 15.59 10.62
N ARG A 649 25.58 14.39 10.03
CA ARG A 649 26.77 13.56 9.98
C ARG A 649 27.91 14.17 9.15
N HIS A 650 27.55 14.91 8.10
CA HIS A 650 28.54 15.46 7.19
C HIS A 650 28.68 16.97 7.30
N GLY A 651 28.16 17.54 8.39
CA GLY A 651 28.40 18.94 8.70
C GLY A 651 27.63 19.93 7.86
N VAL A 652 26.55 19.48 7.23
CA VAL A 652 25.68 20.39 6.49
C VAL A 652 24.91 21.30 7.45
N ILE A 653 24.52 20.74 8.59
CA ILE A 653 23.75 21.48 9.58
C ILE A 653 24.36 21.18 10.94
N THR A 654 24.00 21.94 11.98
CA THR A 654 24.50 21.71 13.34
C THR A 654 23.40 21.12 14.23
N SER A 655 23.77 20.65 15.40
CA SER A 655 22.78 20.14 16.34
C SER A 655 21.87 21.25 16.87
N ALA A 656 22.36 22.49 16.86
CA ALA A 656 21.50 23.62 17.23
C ALA A 656 20.50 23.95 16.12
N ASP A 657 20.92 23.80 14.87
CA ASP A 657 19.97 23.94 13.75
C ASP A 657 18.81 22.95 13.89
N VAL A 658 19.15 21.69 14.17
CA VAL A 658 18.13 20.67 14.36
C VAL A 658 17.19 21.05 15.50
N ARG A 659 17.78 21.38 16.65
CA ARG A 659 17.00 21.79 17.82
C ARG A 659 16.08 22.97 17.53
N ALA A 660 16.63 24.01 16.90
CA ALA A 660 15.88 25.22 16.58
C ALA A 660 14.70 24.90 15.66
N SER A 661 14.96 24.07 14.66
CA SER A 661 13.90 23.70 13.74
C SER A 661 12.78 22.91 14.45
N LEU A 662 13.14 21.93 15.28
CA LEU A 662 12.14 21.17 16.03
C LEU A 662 11.29 22.11 16.87
N GLU A 663 11.93 23.09 17.48
CA GLU A 663 11.23 24.05 18.32
C GLU A 663 10.41 25.05 17.50
N ARG A 664 10.86 25.39 16.31
CA ARG A 664 10.08 26.27 15.43
C ARG A 664 8.87 25.56 14.85
N MET A 665 9.02 24.26 14.56
CA MET A 665 7.97 23.53 13.88
C MET A 665 6.90 23.02 14.83
N ALA A 666 7.28 22.70 16.07
CA ALA A 666 6.34 22.14 17.05
C ALA A 666 5.05 22.95 17.32
N PRO A 667 5.16 24.28 17.55
CA PRO A 667 3.93 25.07 17.71
C PRO A 667 3.08 25.07 16.45
N LEU A 668 3.75 25.10 15.30
CA LEU A 668 3.07 25.03 14.01
C LEU A 668 2.26 23.73 13.92
N VAL A 669 2.90 22.60 14.22
CA VAL A 669 2.19 21.33 14.26
C VAL A 669 1.05 21.37 15.27
N ASP A 670 1.27 22.06 16.39
CA ASP A 670 0.23 22.22 17.41
C ASP A 670 -1.02 22.88 16.83
N ARG A 671 -0.85 24.02 16.18
CA ARG A 671 -1.99 24.73 15.62
C ARG A 671 -2.57 24.00 14.41
N GLN A 672 -1.78 23.14 13.78
CA GLN A 672 -2.27 22.32 12.68
C GLN A 672 -3.18 21.20 13.18
N ASN A 673 -3.14 20.96 14.49
CA ASN A 673 -3.98 19.93 15.09
C ASN A 673 -5.10 20.49 15.95
N ALA A 674 -5.50 21.72 15.65
CA ALA A 674 -6.53 22.43 16.43
C ALA A 674 -7.88 21.70 16.43
N GLY A 675 -8.25 21.12 15.30
CA GLY A 675 -9.54 20.45 15.18
C GLY A 675 -9.73 19.24 16.09
N ASP A 676 -8.63 18.76 16.67
CA ASP A 676 -8.62 17.50 17.40
C ASP A 676 -8.86 17.68 18.89
N VAL A 677 -9.99 17.17 19.37
CA VAL A 677 -10.38 17.34 20.78
C VAL A 677 -9.39 16.69 21.75
N ALA A 678 -8.76 15.58 21.34
CA ALA A 678 -7.90 14.82 22.24
C ALA A 678 -6.41 15.13 22.08
N TYR A 679 -6.09 16.19 21.34
CA TYR A 679 -4.70 16.55 21.11
C TYR A 679 -4.09 17.28 22.30
N ARG A 680 -2.85 16.94 22.63
CA ARG A 680 -2.11 17.64 23.68
C ARG A 680 -0.85 18.29 23.09
N PRO A 681 -0.70 19.61 23.29
CA PRO A 681 0.32 20.37 22.54
C PRO A 681 1.73 19.98 22.98
N MET A 682 2.69 20.18 22.08
CA MET A 682 4.08 19.85 22.36
C MET A 682 4.81 21.06 22.96
N ALA A 683 4.58 22.23 22.38
CA ALA A 683 5.10 23.48 22.93
C ALA A 683 4.23 23.93 24.10
N PRO A 684 4.83 24.59 25.11
CA PRO A 684 6.24 25.00 25.18
C PRO A 684 7.13 24.07 26.01
N ASN A 685 6.55 23.05 26.64
CA ASN A 685 7.33 22.14 27.48
C ASN A 685 7.85 20.91 26.73
N PHE A 686 8.82 21.14 25.84
CA PHE A 686 9.30 20.12 24.93
C PHE A 686 9.81 18.85 25.62
N ASP A 687 10.69 19.01 26.59
CA ASP A 687 11.29 17.83 27.20
C ASP A 687 10.32 17.08 28.13
N ASP A 688 9.08 17.56 28.20
CA ASP A 688 8.00 16.83 28.87
C ASP A 688 7.21 15.97 27.87
N SER A 689 7.14 16.42 26.62
CA SER A 689 6.40 15.72 25.58
C SER A 689 7.13 14.48 25.08
N ILE A 690 6.55 13.31 25.35
CA ILE A 690 7.14 12.05 24.90
C ILE A 690 7.25 12.03 23.38
N ALA A 691 6.27 12.63 22.71
CA ALA A 691 6.27 12.69 21.25
C ALA A 691 7.39 13.59 20.71
N PHE A 692 7.59 14.75 21.33
CA PHE A 692 8.65 15.66 20.90
C PHE A 692 10.00 15.00 21.06
N LEU A 693 10.17 14.30 22.17
CA LEU A 693 11.40 13.57 22.46
C LEU A 693 11.59 12.40 21.49
N ALA A 694 10.50 11.77 21.07
CA ALA A 694 10.60 10.70 20.08
C ALA A 694 11.16 11.25 18.76
N ALA A 695 10.65 12.41 18.36
CA ALA A 695 11.03 13.06 17.11
C ALA A 695 12.51 13.41 17.14
N GLN A 696 12.95 13.89 18.29
CA GLN A 696 14.34 14.27 18.46
C GLN A 696 15.25 13.04 18.44
N GLU A 697 14.81 11.97 19.07
CA GLU A 697 15.60 10.76 19.16
C GLU A 697 15.78 10.13 17.79
N LEU A 698 14.72 10.18 16.99
CA LEU A 698 14.73 9.64 15.64
C LEU A 698 15.83 10.33 14.84
N ILE A 699 15.99 11.64 15.05
CA ILE A 699 17.01 12.37 14.30
C ILE A 699 18.41 12.10 14.86
N LEU A 700 18.60 12.30 16.16
CA LEU A 700 19.94 12.23 16.74
C LEU A 700 20.50 10.81 16.82
N SER A 701 19.63 9.82 16.87
CA SER A 701 20.04 8.43 16.91
C SER A 701 19.89 7.78 15.56
N GLY A 702 19.35 8.52 14.60
CA GLY A 702 19.05 8.03 13.27
C GLY A 702 20.14 7.21 12.61
N ALA A 703 21.36 7.75 12.58
CA ALA A 703 22.47 7.07 11.93
C ALA A 703 22.83 5.72 12.58
N GLN A 704 22.42 5.52 13.82
CA GLN A 704 22.70 4.26 14.51
C GLN A 704 21.57 3.23 14.45
N GLN A 705 20.42 3.61 13.91
CA GLN A 705 19.31 2.66 13.84
C GLN A 705 19.55 1.69 12.70
N PRO A 706 19.29 0.39 12.93
CA PRO A 706 19.53 -0.63 11.90
C PRO A 706 18.77 -0.31 10.63
N ASN A 707 19.52 -0.06 9.55
CA ASN A 707 18.97 0.33 8.25
C ASN A 707 18.08 1.58 8.28
N GLY A 708 18.24 2.39 9.32
CA GLY A 708 17.42 3.57 9.48
C GLY A 708 16.01 3.29 9.97
N TYR A 709 15.72 2.04 10.34
CA TYR A 709 14.35 1.69 10.78
C TYR A 709 13.94 2.50 12.01
N THR A 710 12.71 3.00 11.98
CA THR A 710 12.22 3.89 13.03
C THR A 710 11.41 3.14 14.11
N GLU A 711 11.12 1.87 13.87
CA GLU A 711 10.26 1.11 14.79
C GLU A 711 10.81 0.94 16.22
N PRO A 712 12.11 0.62 16.38
CA PRO A 712 12.60 0.44 17.75
C PRO A 712 12.35 1.65 18.63
N ILE A 713 12.53 2.85 18.08
CA ILE A 713 12.33 4.05 18.86
C ILE A 713 10.86 4.38 19.05
N LEU A 714 10.10 4.33 17.95
CA LEU A 714 8.68 4.67 17.98
C LEU A 714 7.95 3.78 18.96
N HIS A 715 8.24 2.49 18.87
CA HIS A 715 7.54 1.52 19.67
C HIS A 715 7.81 1.78 21.15
N ARG A 716 9.08 2.01 21.48
CA ARG A 716 9.50 2.30 22.84
C ARG A 716 8.75 3.53 23.39
N ARG A 717 8.77 4.63 22.62
CA ARG A 717 8.10 5.87 23.03
C ARG A 717 6.57 5.75 23.17
N ARG A 718 5.93 5.03 22.25
CA ARG A 718 4.50 4.79 22.34
C ARG A 718 4.17 3.94 23.58
N ARG A 719 5.02 2.98 23.90
CA ARG A 719 4.83 2.16 25.10
C ARG A 719 5.02 2.99 26.36
N GLU A 720 5.95 3.94 26.30
CA GLU A 720 6.23 4.86 27.39
C GLU A 720 5.04 5.78 27.59
N PHE A 721 4.46 6.27 26.49
CA PHE A 721 3.28 7.12 26.58
C PHE A 721 2.12 6.34 27.22
N LYS A 722 1.92 5.10 26.77
CA LYS A 722 0.81 4.28 27.27
C LYS A 722 0.94 4.02 28.77
N ALA A 723 2.17 3.84 29.22
CA ALA A 723 2.44 3.63 30.64
C ALA A 723 2.13 4.87 31.47
N ARG A 724 2.54 6.05 30.98
CA ARG A 724 2.24 7.30 31.68
C ARG A 724 0.74 7.48 31.83
N ALA A 725 0.03 7.35 30.72
CA ALA A 725 -1.43 7.54 30.70
C ALA A 725 -2.16 6.56 31.61
N ALA A 726 -1.48 5.48 32.00
CA ALA A 726 -2.07 4.48 32.88
C ALA A 726 -1.83 4.82 34.35
N GLU A 727 -1.71 6.12 34.64
CA GLU A 727 -1.44 6.58 36.00
C GLU A 727 -2.25 7.84 36.32
MG MG B . 7.19 0.55 2.97
C10 5H6 C . -2.41 3.69 4.71
O01 5H6 C . 2.88 6.25 1.37
C02 5H6 C . 2.76 5.00 1.46
O03 5H6 C . 3.52 4.11 1.07
C04 5H6 C . 1.48 4.50 2.16
C05 5H6 C . 0.32 5.30 2.57
C06 5H6 C . -0.57 4.38 3.16
O07 5H6 C . 0.05 3.14 3.10
N08 5H6 C . 1.26 3.22 2.49
C09 5H6 C . -1.86 4.43 3.75
C11 5H6 C . -3.75 3.97 5.05
C12 5H6 C . -4.29 4.94 4.32
CL 5H6 C . -5.91 5.50 4.50
S14 5H6 C . -3.12 5.54 3.16
#